data_1ILT
# 
_entry.id   1ILT 
# 
_audit_conform.dict_name       mmcif_pdbx.dic 
_audit_conform.dict_version    5.386 
_audit_conform.dict_location   http://mmcif.pdb.org/dictionaries/ascii/mmcif_pdbx.dic 
# 
loop_
_database_2.database_id 
_database_2.database_code 
_database_2.pdbx_database_accession 
_database_2.pdbx_DOI 
PDB   1ILT         pdb_00001ilt 10.2210/pdb1ilt/pdb 
WWPDB D_1000174188 ?            ?                   
# 
loop_
_pdbx_audit_revision_history.ordinal 
_pdbx_audit_revision_history.data_content_type 
_pdbx_audit_revision_history.major_revision 
_pdbx_audit_revision_history.minor_revision 
_pdbx_audit_revision_history.revision_date 
1 'Structure model' 1 0 1995-04-01 
2 'Structure model' 1 1 2008-03-24 
3 'Structure model' 1 2 2011-07-13 
4 'Structure model' 1 3 2017-11-29 
5 'Structure model' 1 4 2024-02-07 
# 
_pdbx_audit_revision_details.ordinal             1 
_pdbx_audit_revision_details.revision_ordinal    1 
_pdbx_audit_revision_details.data_content_type   'Structure model' 
_pdbx_audit_revision_details.provider            repository 
_pdbx_audit_revision_details.type                'Initial release' 
_pdbx_audit_revision_details.description         ? 
_pdbx_audit_revision_details.details             ? 
# 
loop_
_pdbx_audit_revision_group.ordinal 
_pdbx_audit_revision_group.revision_ordinal 
_pdbx_audit_revision_group.data_content_type 
_pdbx_audit_revision_group.group 
1 2 'Structure model' 'Version format compliance' 
2 3 'Structure model' 'Version format compliance' 
3 4 'Structure model' 'Derived calculations'      
4 4 'Structure model' Other                       
5 5 'Structure model' 'Data collection'           
6 5 'Structure model' 'Database references'       
# 
loop_
_pdbx_audit_revision_category.ordinal 
_pdbx_audit_revision_category.revision_ordinal 
_pdbx_audit_revision_category.data_content_type 
_pdbx_audit_revision_category.category 
1 4 'Structure model' pdbx_database_status 
2 4 'Structure model' struct_conf          
3 4 'Structure model' struct_conf_type     
4 5 'Structure model' chem_comp_atom       
5 5 'Structure model' chem_comp_bond       
6 5 'Structure model' database_2           
# 
loop_
_pdbx_audit_revision_item.ordinal 
_pdbx_audit_revision_item.revision_ordinal 
_pdbx_audit_revision_item.data_content_type 
_pdbx_audit_revision_item.item 
1 4 'Structure model' '_pdbx_database_status.process_site'  
2 5 'Structure model' '_database_2.pdbx_DOI'                
3 5 'Structure model' '_database_2.pdbx_database_accession' 
# 
_pdbx_database_status.status_code                     REL 
_pdbx_database_status.entry_id                        1ILT 
_pdbx_database_status.recvd_initial_deposition_date   1994-03-09 
_pdbx_database_status.deposit_site                    ? 
_pdbx_database_status.process_site                    BNL 
_pdbx_database_status.SG_entry                        . 
_pdbx_database_status.pdb_format_compatible           Y 
_pdbx_database_status.status_code_mr                  ? 
_pdbx_database_status.status_code_sf                  ? 
_pdbx_database_status.status_code_cs                  ? 
_pdbx_database_status.methods_development_category    ? 
_pdbx_database_status.status_code_nmr_data            ? 
# 
loop_
_audit_author.name 
_audit_author.pdbx_ordinal 
'Brandhuber, B.J.' 1 
'Vigers, G.P.A.'   2 
# 
_citation.id                        primary 
_citation.title                     'X-ray structure of interleukin-1 receptor antagonist at 2.0-A resolution.' 
_citation.journal_abbrev            J.Biol.Chem. 
_citation.journal_volume            269 
_citation.page_first                12874 
_citation.page_last                 12879 
_citation.year                      1994 
_citation.journal_id_ASTM           JBCHA3 
_citation.country                   US 
_citation.journal_id_ISSN           0021-9258 
_citation.journal_id_CSD            0071 
_citation.book_publisher            ? 
_citation.pdbx_database_id_PubMed   8175703 
_citation.pdbx_database_id_DOI      ? 
# 
loop_
_citation_author.citation_id 
_citation_author.name 
_citation_author.ordinal 
_citation_author.identifier_ORCID 
primary 'Vigers, G.P.'     1 ? 
primary 'Caffes, P.'       2 ? 
primary 'Evans, R.J.'      3 ? 
primary 'Thompson, R.C.'   4 ? 
primary 'Eisenberg, S.P.'  5 ? 
primary 'Brandhuber, B.J.' 6 ? 
# 
_entity.id                         1 
_entity.type                       polymer 
_entity.src_method                 man 
_entity.pdbx_description           'INTERLEUKIN-1 RECEPTOR ANTAGONIST' 
_entity.formula_weight             17145.406 
_entity.pdbx_number_of_molecules   2 
_entity.pdbx_ec                    ? 
_entity.pdbx_mutation              ? 
_entity.pdbx_fragment              ? 
_entity.details                    ? 
# 
_entity_poly.entity_id                      1 
_entity_poly.type                           'polypeptide(L)' 
_entity_poly.nstd_linkage                   no 
_entity_poly.nstd_monomer                   no 
_entity_poly.pdbx_seq_one_letter_code       
;RPSGRKSSKMQAFRIWDVNQKTFYLRNNQLVAGYLQGPNVNLEEKIDVVPIEPHALFLGIHGGKMCLSCVKSGDETRLQL
EAVNITDLSENRKQDKRFAFIRSDSGPTTSFESAACPGWFLCTAMEADQPVSLTNMPDEGVMVTKFYFQEDE
;
_entity_poly.pdbx_seq_one_letter_code_can   
;RPSGRKSSKMQAFRIWDVNQKTFYLRNNQLVAGYLQGPNVNLEEKIDVVPIEPHALFLGIHGGKMCLSCVKSGDETRLQL
EAVNITDLSENRKQDKRFAFIRSDSGPTTSFESAACPGWFLCTAMEADQPVSLTNMPDEGVMVTKFYFQEDE
;
_entity_poly.pdbx_strand_id                 A,B 
_entity_poly.pdbx_target_identifier         ? 
# 
loop_
_entity_poly_seq.entity_id 
_entity_poly_seq.num 
_entity_poly_seq.mon_id 
_entity_poly_seq.hetero 
1 1   ARG n 
1 2   PRO n 
1 3   SER n 
1 4   GLY n 
1 5   ARG n 
1 6   LYS n 
1 7   SER n 
1 8   SER n 
1 9   LYS n 
1 10  MET n 
1 11  GLN n 
1 12  ALA n 
1 13  PHE n 
1 14  ARG n 
1 15  ILE n 
1 16  TRP n 
1 17  ASP n 
1 18  VAL n 
1 19  ASN n 
1 20  GLN n 
1 21  LYS n 
1 22  THR n 
1 23  PHE n 
1 24  TYR n 
1 25  LEU n 
1 26  ARG n 
1 27  ASN n 
1 28  ASN n 
1 29  GLN n 
1 30  LEU n 
1 31  VAL n 
1 32  ALA n 
1 33  GLY n 
1 34  TYR n 
1 35  LEU n 
1 36  GLN n 
1 37  GLY n 
1 38  PRO n 
1 39  ASN n 
1 40  VAL n 
1 41  ASN n 
1 42  LEU n 
1 43  GLU n 
1 44  GLU n 
1 45  LYS n 
1 46  ILE n 
1 47  ASP n 
1 48  VAL n 
1 49  VAL n 
1 50  PRO n 
1 51  ILE n 
1 52  GLU n 
1 53  PRO n 
1 54  HIS n 
1 55  ALA n 
1 56  LEU n 
1 57  PHE n 
1 58  LEU n 
1 59  GLY n 
1 60  ILE n 
1 61  HIS n 
1 62  GLY n 
1 63  GLY n 
1 64  LYS n 
1 65  MET n 
1 66  CYS n 
1 67  LEU n 
1 68  SER n 
1 69  CYS n 
1 70  VAL n 
1 71  LYS n 
1 72  SER n 
1 73  GLY n 
1 74  ASP n 
1 75  GLU n 
1 76  THR n 
1 77  ARG n 
1 78  LEU n 
1 79  GLN n 
1 80  LEU n 
1 81  GLU n 
1 82  ALA n 
1 83  VAL n 
1 84  ASN n 
1 85  ILE n 
1 86  THR n 
1 87  ASP n 
1 88  LEU n 
1 89  SER n 
1 90  GLU n 
1 91  ASN n 
1 92  ARG n 
1 93  LYS n 
1 94  GLN n 
1 95  ASP n 
1 96  LYS n 
1 97  ARG n 
1 98  PHE n 
1 99  ALA n 
1 100 PHE n 
1 101 ILE n 
1 102 ARG n 
1 103 SER n 
1 104 ASP n 
1 105 SER n 
1 106 GLY n 
1 107 PRO n 
1 108 THR n 
1 109 THR n 
1 110 SER n 
1 111 PHE n 
1 112 GLU n 
1 113 SER n 
1 114 ALA n 
1 115 ALA n 
1 116 CYS n 
1 117 PRO n 
1 118 GLY n 
1 119 TRP n 
1 120 PHE n 
1 121 LEU n 
1 122 CYS n 
1 123 THR n 
1 124 ALA n 
1 125 MET n 
1 126 GLU n 
1 127 ALA n 
1 128 ASP n 
1 129 GLN n 
1 130 PRO n 
1 131 VAL n 
1 132 SER n 
1 133 LEU n 
1 134 THR n 
1 135 ASN n 
1 136 MET n 
1 137 PRO n 
1 138 ASP n 
1 139 GLU n 
1 140 GLY n 
1 141 VAL n 
1 142 MET n 
1 143 VAL n 
1 144 THR n 
1 145 LYS n 
1 146 PHE n 
1 147 TYR n 
1 148 PHE n 
1 149 GLN n 
1 150 GLU n 
1 151 ASP n 
1 152 GLU n 
# 
_entity_src_gen.entity_id                          1 
_entity_src_gen.pdbx_src_id                        1 
_entity_src_gen.pdbx_alt_source_flag               sample 
_entity_src_gen.pdbx_seq_type                      ? 
_entity_src_gen.pdbx_beg_seq_num                   ? 
_entity_src_gen.pdbx_end_seq_num                   ? 
_entity_src_gen.gene_src_common_name               human 
_entity_src_gen.gene_src_genus                     Homo 
_entity_src_gen.pdbx_gene_src_gene                 ? 
_entity_src_gen.gene_src_species                   ? 
_entity_src_gen.gene_src_strain                    ? 
_entity_src_gen.gene_src_tissue                    ? 
_entity_src_gen.gene_src_tissue_fraction           ? 
_entity_src_gen.gene_src_details                   ? 
_entity_src_gen.pdbx_gene_src_fragment             ? 
_entity_src_gen.pdbx_gene_src_scientific_name      'Homo sapiens' 
_entity_src_gen.pdbx_gene_src_ncbi_taxonomy_id     9606 
_entity_src_gen.pdbx_gene_src_variant              ? 
_entity_src_gen.pdbx_gene_src_cell_line            ? 
_entity_src_gen.pdbx_gene_src_atcc                 ? 
_entity_src_gen.pdbx_gene_src_organ                ? 
_entity_src_gen.pdbx_gene_src_organelle            ? 
_entity_src_gen.pdbx_gene_src_cell                 ? 
_entity_src_gen.pdbx_gene_src_cellular_location    ? 
_entity_src_gen.host_org_common_name               ? 
_entity_src_gen.pdbx_host_org_scientific_name      ? 
_entity_src_gen.pdbx_host_org_ncbi_taxonomy_id     ? 
_entity_src_gen.host_org_genus                     ? 
_entity_src_gen.pdbx_host_org_gene                 ? 
_entity_src_gen.pdbx_host_org_organ                ? 
_entity_src_gen.host_org_species                   ? 
_entity_src_gen.pdbx_host_org_tissue               ? 
_entity_src_gen.pdbx_host_org_tissue_fraction      ? 
_entity_src_gen.pdbx_host_org_strain               ? 
_entity_src_gen.pdbx_host_org_variant              ? 
_entity_src_gen.pdbx_host_org_cell_line            ? 
_entity_src_gen.pdbx_host_org_atcc                 ? 
_entity_src_gen.pdbx_host_org_culture_collection   ? 
_entity_src_gen.pdbx_host_org_cell                 ? 
_entity_src_gen.pdbx_host_org_organelle            ? 
_entity_src_gen.pdbx_host_org_cellular_location    ? 
_entity_src_gen.pdbx_host_org_vector_type          ? 
_entity_src_gen.pdbx_host_org_vector               ? 
_entity_src_gen.host_org_details                   ? 
_entity_src_gen.expression_system_id               ? 
_entity_src_gen.plasmid_name                       ? 
_entity_src_gen.plasmid_details                    ? 
_entity_src_gen.pdbx_description                   ? 
# 
loop_
_chem_comp.id 
_chem_comp.type 
_chem_comp.mon_nstd_flag 
_chem_comp.name 
_chem_comp.pdbx_synonyms 
_chem_comp.formula 
_chem_comp.formula_weight 
ALA 'L-peptide linking' y ALANINE         ? 'C3 H7 N O2'     89.093  
ARG 'L-peptide linking' y ARGININE        ? 'C6 H15 N4 O2 1' 175.209 
ASN 'L-peptide linking' y ASPARAGINE      ? 'C4 H8 N2 O3'    132.118 
ASP 'L-peptide linking' y 'ASPARTIC ACID' ? 'C4 H7 N O4'     133.103 
CYS 'L-peptide linking' y CYSTEINE        ? 'C3 H7 N O2 S'   121.158 
GLN 'L-peptide linking' y GLUTAMINE       ? 'C5 H10 N2 O3'   146.144 
GLU 'L-peptide linking' y 'GLUTAMIC ACID' ? 'C5 H9 N O4'     147.129 
GLY 'peptide linking'   y GLYCINE         ? 'C2 H5 N O2'     75.067  
HIS 'L-peptide linking' y HISTIDINE       ? 'C6 H10 N3 O2 1' 156.162 
ILE 'L-peptide linking' y ISOLEUCINE      ? 'C6 H13 N O2'    131.173 
LEU 'L-peptide linking' y LEUCINE         ? 'C6 H13 N O2'    131.173 
LYS 'L-peptide linking' y LYSINE          ? 'C6 H15 N2 O2 1' 147.195 
MET 'L-peptide linking' y METHIONINE      ? 'C5 H11 N O2 S'  149.211 
PHE 'L-peptide linking' y PHENYLALANINE   ? 'C9 H11 N O2'    165.189 
PRO 'L-peptide linking' y PROLINE         ? 'C5 H9 N O2'     115.130 
SER 'L-peptide linking' y SERINE          ? 'C3 H7 N O3'     105.093 
THR 'L-peptide linking' y THREONINE       ? 'C4 H9 N O3'     119.119 
TRP 'L-peptide linking' y TRYPTOPHAN      ? 'C11 H12 N2 O2'  204.225 
TYR 'L-peptide linking' y TYROSINE        ? 'C9 H11 N O3'    181.189 
VAL 'L-peptide linking' y VALINE          ? 'C5 H11 N O2'    117.146 
# 
loop_
_pdbx_poly_seq_scheme.asym_id 
_pdbx_poly_seq_scheme.entity_id 
_pdbx_poly_seq_scheme.seq_id 
_pdbx_poly_seq_scheme.mon_id 
_pdbx_poly_seq_scheme.ndb_seq_num 
_pdbx_poly_seq_scheme.pdb_seq_num 
_pdbx_poly_seq_scheme.auth_seq_num 
_pdbx_poly_seq_scheme.pdb_mon_id 
_pdbx_poly_seq_scheme.auth_mon_id 
_pdbx_poly_seq_scheme.pdb_strand_id 
_pdbx_poly_seq_scheme.pdb_ins_code 
_pdbx_poly_seq_scheme.hetero 
A 1 1   ARG 1   1   ?   ?   ?   A . n 
A 1 2   PRO 2   2   ?   ?   ?   A . n 
A 1 3   SER 3   3   ?   ?   ?   A . n 
A 1 4   GLY 4   4   ?   ?   ?   A . n 
A 1 5   ARG 5   5   ?   ?   ?   A . n 
A 1 6   LYS 6   6   ?   ?   ?   A . n 
A 1 7   SER 7   7   ?   ?   ?   A . n 
A 1 8   SER 8   8   ?   ?   ?   A . n 
A 1 9   LYS 9   9   ?   ?   ?   A . n 
A 1 10  MET 10  10  10  MET MET A . n 
A 1 11  GLN 11  11  11  GLN GLN A . n 
A 1 12  ALA 12  12  12  ALA ALA A . n 
A 1 13  PHE 13  13  13  PHE PHE A . n 
A 1 14  ARG 14  14  14  ARG ARG A . n 
A 1 15  ILE 15  15  15  ILE ILE A . n 
A 1 16  TRP 16  16  16  TRP TRP A . n 
A 1 17  ASP 17  17  17  ASP ASP A . n 
A 1 18  VAL 18  18  18  VAL VAL A . n 
A 1 19  ASN 19  19  19  ASN ASN A . n 
A 1 20  GLN 20  20  20  GLN GLN A . n 
A 1 21  LYS 21  21  21  LYS LYS A . n 
A 1 22  THR 22  22  22  THR THR A . n 
A 1 23  PHE 23  23  23  PHE PHE A . n 
A 1 24  TYR 24  24  24  TYR TYR A . n 
A 1 25  LEU 25  25  25  LEU LEU A . n 
A 1 26  ARG 26  26  26  ARG ARG A . n 
A 1 27  ASN 27  27  27  ASN ASN A . n 
A 1 28  ASN 28  28  28  ASN ASN A . n 
A 1 29  GLN 29  29  29  GLN GLN A . n 
A 1 30  LEU 30  30  30  LEU LEU A . n 
A 1 31  VAL 31  31  31  VAL VAL A . n 
A 1 32  ALA 32  32  32  ALA ALA A . n 
A 1 33  GLY 33  33  33  GLY GLY A . n 
A 1 34  TYR 34  34  34  TYR TYR A . n 
A 1 35  LEU 35  35  35  LEU LEU A . n 
A 1 36  GLN 36  36  36  GLN GLN A . n 
A 1 37  GLY 37  37  37  GLY GLY A . n 
A 1 38  PRO 38  38  38  PRO PRO A . n 
A 1 39  ASN 39  39  39  ASN ASN A . n 
A 1 40  VAL 40  40  40  VAL VAL A . n 
A 1 41  ASN 41  41  41  ASN ASN A . n 
A 1 42  LEU 42  42  42  LEU LEU A . n 
A 1 43  GLU 43  43  43  GLU GLU A . n 
A 1 44  GLU 44  44  44  GLU GLU A . n 
A 1 45  LYS 45  45  45  LYS LYS A . n 
A 1 46  ILE 46  46  46  ILE ILE A . n 
A 1 47  ASP 47  47  47  ASP ASP A . n 
A 1 48  VAL 48  48  48  VAL VAL A . n 
A 1 49  VAL 49  49  49  VAL VAL A . n 
A 1 50  PRO 50  50  50  PRO PRO A . n 
A 1 51  ILE 51  51  51  ILE ILE A . n 
A 1 52  GLU 52  52  52  GLU GLU A . n 
A 1 53  PRO 53  53  53  PRO PRO A . n 
A 1 54  HIS 54  54  54  HIS HIS A . n 
A 1 55  ALA 55  55  55  ALA ALA A . n 
A 1 56  LEU 56  56  56  LEU LEU A . n 
A 1 57  PHE 57  57  57  PHE PHE A . n 
A 1 58  LEU 58  58  58  LEU LEU A . n 
A 1 59  GLY 59  59  59  GLY GLY A . n 
A 1 60  ILE 60  60  60  ILE ILE A . n 
A 1 61  HIS 61  61  61  HIS HIS A . n 
A 1 62  GLY 62  62  62  GLY GLY A . n 
A 1 63  GLY 63  63  63  GLY GLY A . n 
A 1 64  LYS 64  64  64  LYS LYS A . n 
A 1 65  MET 65  65  65  MET MET A . n 
A 1 66  CYS 66  66  66  CYS CYS A . n 
A 1 67  LEU 67  67  67  LEU LEU A . n 
A 1 68  SER 68  68  68  SER SER A . n 
A 1 69  CYS 69  69  69  CYS CYS A . n 
A 1 70  VAL 70  70  70  VAL VAL A . n 
A 1 71  LYS 71  71  71  LYS LYS A . n 
A 1 72  SER 72  72  72  SER SER A . n 
A 1 73  GLY 73  73  73  GLY GLY A . n 
A 1 74  ASP 74  74  74  ASP ASP A . n 
A 1 75  GLU 75  75  75  GLU GLU A . n 
A 1 76  THR 76  76  76  THR THR A . n 
A 1 77  ARG 77  77  77  ARG ARG A . n 
A 1 78  LEU 78  78  78  LEU LEU A . n 
A 1 79  GLN 79  79  79  GLN GLN A . n 
A 1 80  LEU 80  80  80  LEU LEU A . n 
A 1 81  GLU 81  81  81  GLU GLU A . n 
A 1 82  ALA 82  82  82  ALA ALA A . n 
A 1 83  VAL 83  83  83  VAL VAL A . n 
A 1 84  ASN 84  84  84  ASN ASN A . n 
A 1 85  ILE 85  85  85  ILE ILE A . n 
A 1 86  THR 86  86  86  THR THR A . n 
A 1 87  ASP 87  87  87  ASP ASP A . n 
A 1 88  LEU 88  88  88  LEU LEU A . n 
A 1 89  SER 89  89  89  SER SER A . n 
A 1 90  GLU 90  90  90  GLU GLU A . n 
A 1 91  ASN 91  91  91  ASN ASN A . n 
A 1 92  ARG 92  92  92  ARG ARG A . n 
A 1 93  LYS 93  93  93  LYS LYS A . n 
A 1 94  GLN 94  94  94  GLN GLN A . n 
A 1 95  ASP 95  95  95  ASP ASP A . n 
A 1 96  LYS 96  96  96  LYS LYS A . n 
A 1 97  ARG 97  97  97  ARG ARG A . n 
A 1 98  PHE 98  98  98  PHE PHE A . n 
A 1 99  ALA 99  99  99  ALA ALA A . n 
A 1 100 PHE 100 100 100 PHE PHE A . n 
A 1 101 ILE 101 101 101 ILE ILE A . n 
A 1 102 ARG 102 102 102 ARG ARG A . n 
A 1 103 SER 103 103 103 SER SER A . n 
A 1 104 ASP 104 104 104 ASP ASP A . n 
A 1 105 SER 105 105 105 SER SER A . n 
A 1 106 GLY 106 106 106 GLY GLY A . n 
A 1 107 PRO 107 107 107 PRO PRO A . n 
A 1 108 THR 108 108 108 THR THR A . n 
A 1 109 THR 109 109 109 THR THR A . n 
A 1 110 SER 110 110 110 SER SER A . n 
A 1 111 PHE 111 111 111 PHE PHE A . n 
A 1 112 GLU 112 112 112 GLU GLU A . n 
A 1 113 SER 113 113 113 SER SER A . n 
A 1 114 ALA 114 114 114 ALA ALA A . n 
A 1 115 ALA 115 115 115 ALA ALA A . n 
A 1 116 CYS 116 116 116 CYS CYS A . n 
A 1 117 PRO 117 117 117 PRO PRO A . n 
A 1 118 GLY 118 118 118 GLY GLY A . n 
A 1 119 TRP 119 119 119 TRP TRP A . n 
A 1 120 PHE 120 120 120 PHE PHE A . n 
A 1 121 LEU 121 121 121 LEU LEU A . n 
A 1 122 CYS 122 122 122 CYS CYS A . n 
A 1 123 THR 123 123 123 THR THR A . n 
A 1 124 ALA 124 124 124 ALA ALA A . n 
A 1 125 MET 125 125 125 MET MET A . n 
A 1 126 GLU 126 126 126 GLU GLU A . n 
A 1 127 ALA 127 127 127 ALA ALA A . n 
A 1 128 ASP 128 128 128 ASP ASP A . n 
A 1 129 GLN 129 129 129 GLN GLN A . n 
A 1 130 PRO 130 130 130 PRO PRO A . n 
A 1 131 VAL 131 131 131 VAL VAL A . n 
A 1 132 SER 132 132 132 SER SER A . n 
A 1 133 LEU 133 133 133 LEU LEU A . n 
A 1 134 THR 134 134 134 THR THR A . n 
A 1 135 ASN 135 135 135 ASN ASN A . n 
A 1 136 MET 136 136 136 MET MET A . n 
A 1 137 PRO 137 137 137 PRO PRO A . n 
A 1 138 ASP 138 138 138 ASP ASP A . n 
A 1 139 GLU 139 139 139 GLU GLU A . n 
A 1 140 GLY 140 140 140 GLY GLY A . n 
A 1 141 VAL 141 141 141 VAL VAL A . n 
A 1 142 MET 142 142 142 MET MET A . n 
A 1 143 VAL 143 143 143 VAL VAL A . n 
A 1 144 THR 144 144 144 THR THR A . n 
A 1 145 LYS 145 145 145 LYS LYS A . n 
A 1 146 PHE 146 146 146 PHE PHE A . n 
A 1 147 TYR 147 147 147 TYR TYR A . n 
A 1 148 PHE 148 148 148 PHE PHE A . n 
A 1 149 GLN 149 149 149 GLN GLN A . n 
A 1 150 GLU 150 150 150 GLU GLU A . n 
A 1 151 ASP 151 151 151 ASP ASP A . n 
A 1 152 GLU 152 152 152 GLU GLU A . n 
B 1 1   ARG 1   1   ?   ?   ?   B . n 
B 1 2   PRO 2   2   ?   ?   ?   B . n 
B 1 3   SER 3   3   ?   ?   ?   B . n 
B 1 4   GLY 4   4   ?   ?   ?   B . n 
B 1 5   ARG 5   5   ?   ?   ?   B . n 
B 1 6   LYS 6   6   ?   ?   ?   B . n 
B 1 7   SER 7   7   ?   ?   ?   B . n 
B 1 8   SER 8   8   ?   ?   ?   B . n 
B 1 9   LYS 9   9   ?   ?   ?   B . n 
B 1 10  MET 10  10  10  MET MET B . n 
B 1 11  GLN 11  11  11  GLN GLN B . n 
B 1 12  ALA 12  12  12  ALA ALA B . n 
B 1 13  PHE 13  13  13  PHE PHE B . n 
B 1 14  ARG 14  14  14  ARG ARG B . n 
B 1 15  ILE 15  15  15  ILE ILE B . n 
B 1 16  TRP 16  16  16  TRP TRP B . n 
B 1 17  ASP 17  17  17  ASP ASP B . n 
B 1 18  VAL 18  18  18  VAL VAL B . n 
B 1 19  ASN 19  19  19  ASN ASN B . n 
B 1 20  GLN 20  20  20  GLN GLN B . n 
B 1 21  LYS 21  21  21  LYS LYS B . n 
B 1 22  THR 22  22  22  THR THR B . n 
B 1 23  PHE 23  23  23  PHE PHE B . n 
B 1 24  TYR 24  24  24  TYR TYR B . n 
B 1 25  LEU 25  25  25  LEU LEU B . n 
B 1 26  ARG 26  26  26  ARG ARG B . n 
B 1 27  ASN 27  27  27  ASN ASN B . n 
B 1 28  ASN 28  28  28  ASN ASN B . n 
B 1 29  GLN 29  29  29  GLN GLN B . n 
B 1 30  LEU 30  30  30  LEU LEU B . n 
B 1 31  VAL 31  31  31  VAL VAL B . n 
B 1 32  ALA 32  32  32  ALA ALA B . n 
B 1 33  GLY 33  33  33  GLY GLY B . n 
B 1 34  TYR 34  34  34  TYR TYR B . n 
B 1 35  LEU 35  35  35  LEU LEU B . n 
B 1 36  GLN 36  36  36  GLN GLN B . n 
B 1 37  GLY 37  37  37  GLY GLY B . n 
B 1 38  PRO 38  38  38  PRO PRO B . n 
B 1 39  ASN 39  39  39  ASN ASN B . n 
B 1 40  VAL 40  40  40  VAL VAL B . n 
B 1 41  ASN 41  41  41  ASN ASN B . n 
B 1 42  LEU 42  42  42  LEU LEU B . n 
B 1 43  GLU 43  43  43  GLU GLU B . n 
B 1 44  GLU 44  44  44  GLU GLU B . n 
B 1 45  LYS 45  45  45  LYS LYS B . n 
B 1 46  ILE 46  46  46  ILE ILE B . n 
B 1 47  ASP 47  47  47  ASP ASP B . n 
B 1 48  VAL 48  48  48  VAL VAL B . n 
B 1 49  VAL 49  49  49  VAL VAL B . n 
B 1 50  PRO 50  50  50  PRO PRO B . n 
B 1 51  ILE 51  51  51  ILE ILE B . n 
B 1 52  GLU 52  52  52  GLU GLU B . n 
B 1 53  PRO 53  53  53  PRO PRO B . n 
B 1 54  HIS 54  54  54  HIS HIS B . n 
B 1 55  ALA 55  55  55  ALA ALA B . n 
B 1 56  LEU 56  56  56  LEU LEU B . n 
B 1 57  PHE 57  57  57  PHE PHE B . n 
B 1 58  LEU 58  58  58  LEU LEU B . n 
B 1 59  GLY 59  59  59  GLY GLY B . n 
B 1 60  ILE 60  60  60  ILE ILE B . n 
B 1 61  HIS 61  61  61  HIS HIS B . n 
B 1 62  GLY 62  62  62  GLY GLY B . n 
B 1 63  GLY 63  63  63  GLY GLY B . n 
B 1 64  LYS 64  64  64  LYS LYS B . n 
B 1 65  MET 65  65  65  MET MET B . n 
B 1 66  CYS 66  66  66  CYS CYS B . n 
B 1 67  LEU 67  67  67  LEU LEU B . n 
B 1 68  SER 68  68  68  SER SER B . n 
B 1 69  CYS 69  69  69  CYS CYS B . n 
B 1 70  VAL 70  70  70  VAL VAL B . n 
B 1 71  LYS 71  71  71  LYS LYS B . n 
B 1 72  SER 72  72  72  SER SER B . n 
B 1 73  GLY 73  73  73  GLY GLY B . n 
B 1 74  ASP 74  74  74  ASP ASP B . n 
B 1 75  GLU 75  75  75  GLU GLU B . n 
B 1 76  THR 76  76  76  THR THR B . n 
B 1 77  ARG 77  77  77  ARG ARG B . n 
B 1 78  LEU 78  78  78  LEU LEU B . n 
B 1 79  GLN 79  79  79  GLN GLN B . n 
B 1 80  LEU 80  80  80  LEU LEU B . n 
B 1 81  GLU 81  81  81  GLU GLU B . n 
B 1 82  ALA 82  82  82  ALA ALA B . n 
B 1 83  VAL 83  83  83  VAL VAL B . n 
B 1 84  ASN 84  84  84  ASN ASN B . n 
B 1 85  ILE 85  85  85  ILE ILE B . n 
B 1 86  THR 86  86  86  THR THR B . n 
B 1 87  ASP 87  87  87  ASP ASP B . n 
B 1 88  LEU 88  88  88  LEU LEU B . n 
B 1 89  SER 89  89  89  SER SER B . n 
B 1 90  GLU 90  90  90  GLU GLU B . n 
B 1 91  ASN 91  91  91  ASN ASN B . n 
B 1 92  ARG 92  92  92  ARG ARG B . n 
B 1 93  LYS 93  93  93  LYS LYS B . n 
B 1 94  GLN 94  94  94  GLN GLN B . n 
B 1 95  ASP 95  95  95  ASP ASP B . n 
B 1 96  LYS 96  96  96  LYS LYS B . n 
B 1 97  ARG 97  97  97  ARG ARG B . n 
B 1 98  PHE 98  98  98  PHE PHE B . n 
B 1 99  ALA 99  99  99  ALA ALA B . n 
B 1 100 PHE 100 100 100 PHE PHE B . n 
B 1 101 ILE 101 101 101 ILE ILE B . n 
B 1 102 ARG 102 102 102 ARG ARG B . n 
B 1 103 SER 103 103 103 SER SER B . n 
B 1 104 ASP 104 104 104 ASP ASP B . n 
B 1 105 SER 105 105 105 SER SER B . n 
B 1 106 GLY 106 106 106 GLY GLY B . n 
B 1 107 PRO 107 107 107 PRO PRO B . n 
B 1 108 THR 108 108 108 THR THR B . n 
B 1 109 THR 109 109 109 THR THR B . n 
B 1 110 SER 110 110 110 SER SER B . n 
B 1 111 PHE 111 111 111 PHE PHE B . n 
B 1 112 GLU 112 112 112 GLU GLU B . n 
B 1 113 SER 113 113 113 SER SER B . n 
B 1 114 ALA 114 114 114 ALA ALA B . n 
B 1 115 ALA 115 115 115 ALA ALA B . n 
B 1 116 CYS 116 116 116 CYS CYS B . n 
B 1 117 PRO 117 117 117 PRO PRO B . n 
B 1 118 GLY 118 118 118 GLY GLY B . n 
B 1 119 TRP 119 119 119 TRP TRP B . n 
B 1 120 PHE 120 120 120 PHE PHE B . n 
B 1 121 LEU 121 121 121 LEU LEU B . n 
B 1 122 CYS 122 122 122 CYS CYS B . n 
B 1 123 THR 123 123 123 THR THR B . n 
B 1 124 ALA 124 124 124 ALA ALA B . n 
B 1 125 MET 125 125 125 MET MET B . n 
B 1 126 GLU 126 126 126 GLU GLU B . n 
B 1 127 ALA 127 127 127 ALA ALA B . n 
B 1 128 ASP 128 128 128 ASP ASP B . n 
B 1 129 GLN 129 129 129 GLN GLN B . n 
B 1 130 PRO 130 130 130 PRO PRO B . n 
B 1 131 VAL 131 131 131 VAL VAL B . n 
B 1 132 SER 132 132 132 SER SER B . n 
B 1 133 LEU 133 133 133 LEU LEU B . n 
B 1 134 THR 134 134 134 THR THR B . n 
B 1 135 ASN 135 135 135 ASN ASN B . n 
B 1 136 MET 136 136 136 MET MET B . n 
B 1 137 PRO 137 137 137 PRO PRO B . n 
B 1 138 ASP 138 138 138 ASP ASP B . n 
B 1 139 GLU 139 139 139 GLU GLU B . n 
B 1 140 GLY 140 140 140 GLY GLY B . n 
B 1 141 VAL 141 141 141 VAL VAL B . n 
B 1 142 MET 142 142 142 MET MET B . n 
B 1 143 VAL 143 143 143 VAL VAL B . n 
B 1 144 THR 144 144 144 THR THR B . n 
B 1 145 LYS 145 145 145 LYS LYS B . n 
B 1 146 PHE 146 146 146 PHE PHE B . n 
B 1 147 TYR 147 147 147 TYR TYR B . n 
B 1 148 PHE 148 148 148 PHE PHE B . n 
B 1 149 GLN 149 149 149 GLN GLN B . n 
B 1 150 GLU 150 150 150 GLU GLU B . n 
B 1 151 ASP 151 151 151 ASP ASP B . n 
B 1 152 GLU 152 152 152 GLU GLU B . n 
# 
loop_
_software.name 
_software.classification 
_software.version 
_software.citation_id 
_software.pdbx_ordinal 
X-PLOR 'model building' . ? 1 
X-PLOR refinement       . ? 2 
X-PLOR phasing          . ? 3 
# 
_cell.entry_id           1ILT 
_cell.length_a           71.110 
_cell.length_b           71.110 
_cell.length_c           112.610 
_cell.angle_alpha        90.00 
_cell.angle_beta         90.00 
_cell.angle_gamma        90.00 
_cell.Z_PDB              16 
_cell.pdbx_unique_axis   ? 
# 
_symmetry.entry_id                         1ILT 
_symmetry.space_group_name_H-M             'P 43 21 2' 
_symmetry.pdbx_full_space_group_name_H-M   ? 
_symmetry.cell_setting                     ? 
_symmetry.Int_Tables_number                96 
# 
_exptl.entry_id          1ILT 
_exptl.method            'X-RAY DIFFRACTION' 
_exptl.crystals_number   ? 
# 
_exptl_crystal.id                    1 
_exptl_crystal.density_meas          ? 
_exptl_crystal.density_Matthews      2.07 
_exptl_crystal.density_percent_sol   40.72 
_exptl_crystal.description           ? 
# 
_diffrn.id                     1 
_diffrn.ambient_temp           ? 
_diffrn.ambient_temp_details   ? 
_diffrn.crystal_id             1 
# 
_diffrn_radiation.diffrn_id                        1 
_diffrn_radiation.wavelength_id                    1 
_diffrn_radiation.pdbx_monochromatic_or_laue_m_l   ? 
_diffrn_radiation.monochromator                    ? 
_diffrn_radiation.pdbx_diffrn_protocol             ? 
_diffrn_radiation.pdbx_scattering_type             x-ray 
# 
_diffrn_radiation_wavelength.id           1 
_diffrn_radiation_wavelength.wavelength   . 
_diffrn_radiation_wavelength.wt           1.0 
# 
_refine.entry_id                                 1ILT 
_refine.ls_number_reflns_obs                     19076 
_refine.ls_number_reflns_all                     ? 
_refine.pdbx_ls_sigma_I                          ? 
_refine.pdbx_ls_sigma_F                          2.0 
_refine.pdbx_data_cutoff_high_absF               ? 
_refine.pdbx_data_cutoff_low_absF                ? 
_refine.pdbx_data_cutoff_high_rms_absF           ? 
_refine.ls_d_res_low                             8.0 
_refine.ls_d_res_high                            2.0 
_refine.ls_percent_reflns_obs                    ? 
_refine.ls_R_factor_obs                          0.2360000 
_refine.ls_R_factor_all                          ? 
_refine.ls_R_factor_R_work                       0.2360000 
_refine.ls_R_factor_R_free                       ? 
_refine.ls_R_factor_R_free_error                 ? 
_refine.ls_R_factor_R_free_error_details         ? 
_refine.ls_percent_reflns_R_free                 ? 
_refine.ls_number_reflns_R_free                  ? 
_refine.ls_number_parameters                     ? 
_refine.ls_number_restraints                     ? 
_refine.occupancy_min                            ? 
_refine.occupancy_max                            ? 
_refine.B_iso_mean                               ? 
_refine.aniso_B[1][1]                            ? 
_refine.aniso_B[2][2]                            ? 
_refine.aniso_B[3][3]                            ? 
_refine.aniso_B[1][2]                            ? 
_refine.aniso_B[1][3]                            ? 
_refine.aniso_B[2][3]                            ? 
_refine.solvent_model_details                    ? 
_refine.solvent_model_param_ksol                 ? 
_refine.solvent_model_param_bsol                 ? 
_refine.pdbx_ls_cross_valid_method               ? 
_refine.details                                  ? 
_refine.pdbx_starting_model                      ? 
_refine.pdbx_method_to_determine_struct          ? 
_refine.pdbx_isotropic_thermal_model             ? 
_refine.pdbx_stereochemistry_target_values       ? 
_refine.pdbx_stereochem_target_val_spec_case     ? 
_refine.pdbx_R_Free_selection_details            ? 
_refine.pdbx_overall_ESU_R                       ? 
_refine.pdbx_overall_ESU_R_Free                  ? 
_refine.overall_SU_ML                            ? 
_refine.overall_SU_B                             ? 
_refine.pdbx_refine_id                           'X-RAY DIFFRACTION' 
_refine.pdbx_diffrn_id                           1 
_refine.pdbx_TLS_residual_ADP_flag               ? 
_refine.correlation_coeff_Fo_to_Fc               ? 
_refine.correlation_coeff_Fo_to_Fc_free          ? 
_refine.pdbx_solvent_vdw_probe_radii             ? 
_refine.pdbx_solvent_ion_probe_radii             ? 
_refine.pdbx_solvent_shrinkage_radii             ? 
_refine.pdbx_overall_phase_error                 ? 
_refine.overall_SU_R_Cruickshank_DPI             ? 
_refine.pdbx_overall_SU_R_free_Cruickshank_DPI   ? 
_refine.pdbx_overall_SU_R_Blow_DPI               ? 
_refine.pdbx_overall_SU_R_free_Blow_DPI          ? 
# 
_refine_hist.pdbx_refine_id                   'X-RAY DIFFRACTION' 
_refine_hist.cycle_id                         LAST 
_refine_hist.pdbx_number_atoms_protein        286 
_refine_hist.pdbx_number_atoms_nucleic_acid   0 
_refine_hist.pdbx_number_atoms_ligand         0 
_refine_hist.number_atoms_solvent             0 
_refine_hist.number_atoms_total               286 
_refine_hist.d_res_high                       2.0 
_refine_hist.d_res_low                        8.0 
# 
loop_
_refine_ls_restr.type 
_refine_ls_restr.dev_ideal 
_refine_ls_restr.dev_ideal_target 
_refine_ls_restr.weight 
_refine_ls_restr.number 
_refine_ls_restr.pdbx_refine_id 
_refine_ls_restr.pdbx_restraint_function 
x_bond_d                0.011 ? ? ? 'X-RAY DIFFRACTION' ? 
x_bond_d_na             ?     ? ? ? 'X-RAY DIFFRACTION' ? 
x_bond_d_prot           ?     ? ? ? 'X-RAY DIFFRACTION' ? 
x_angle_d               ?     ? ? ? 'X-RAY DIFFRACTION' ? 
x_angle_d_na            ?     ? ? ? 'X-RAY DIFFRACTION' ? 
x_angle_d_prot          ?     ? ? ? 'X-RAY DIFFRACTION' ? 
x_angle_deg             ?     ? ? ? 'X-RAY DIFFRACTION' ? 
x_angle_deg_na          ?     ? ? ? 'X-RAY DIFFRACTION' ? 
x_angle_deg_prot        ?     ? ? ? 'X-RAY DIFFRACTION' ? 
x_dihedral_angle_d      ?     ? ? ? 'X-RAY DIFFRACTION' ? 
x_dihedral_angle_d_na   ?     ? ? ? 'X-RAY DIFFRACTION' ? 
x_dihedral_angle_d_prot ?     ? ? ? 'X-RAY DIFFRACTION' ? 
x_improper_angle_d      ?     ? ? ? 'X-RAY DIFFRACTION' ? 
x_improper_angle_d_na   ?     ? ? ? 'X-RAY DIFFRACTION' ? 
x_improper_angle_d_prot ?     ? ? ? 'X-RAY DIFFRACTION' ? 
x_mcbond_it             ?     ? ? ? 'X-RAY DIFFRACTION' ? 
x_mcangle_it            ?     ? ? ? 'X-RAY DIFFRACTION' ? 
x_scbond_it             ?     ? ? ? 'X-RAY DIFFRACTION' ? 
x_scangle_it            ?     ? ? ? 'X-RAY DIFFRACTION' ? 
# 
_struct_ncs_oper.id             1 
_struct_ncs_oper.code           given 
_struct_ncs_oper.details        ? 
_struct_ncs_oper.matrix[1][1]   -0.25067783 
_struct_ncs_oper.matrix[1][2]   -0.96552060 
_struct_ncs_oper.matrix[1][3]   -0.07022446 
_struct_ncs_oper.matrix[2][1]   0.12887262 
_struct_ncs_oper.matrix[2][2]   0.03861197 
_struct_ncs_oper.matrix[2][3]   -0.99090904 
_struct_ncs_oper.matrix[3][1]   0.95945463 
_struct_ncs_oper.matrix[3][2]   -0.25744890 
_struct_ncs_oper.matrix[3][3]   0.11474986 
_struct_ncs_oper.vector[1]      3.85546 
_struct_ncs_oper.vector[2]      40.75242 
_struct_ncs_oper.vector[3]      -15.36243 
# 
_struct.entry_id                  1ILT 
_struct.title                     'X-RAY STRUCTURE OF INTERLEUKIN-1 RECEPTOR ANTAGONIST AT 2.0 ANGSTROMS RESOLUTION' 
_struct.pdbx_model_details        ? 
_struct.pdbx_CASP_flag            ? 
_struct.pdbx_model_type_details   ? 
# 
_struct_keywords.entry_id        1ILT 
_struct_keywords.pdbx_keywords   CYTOKINE 
_struct_keywords.text            CYTOKINE 
# 
loop_
_struct_asym.id 
_struct_asym.pdbx_blank_PDB_chainid_flag 
_struct_asym.pdbx_modified 
_struct_asym.entity_id 
_struct_asym.details 
A N N 1 ? 
B N N 1 ? 
# 
_struct_ref.id                         1 
_struct_ref.db_name                    UNP 
_struct_ref.db_code                    IL1RA_HUMAN 
_struct_ref.entity_id                  1 
_struct_ref.pdbx_db_accession          P18510 
_struct_ref.pdbx_align_begin           1 
_struct_ref.pdbx_seq_one_letter_code   
;MEICRGLRSHLITLLLFLFHSETICRPSGRKSSKMQAFRIWDVNQKTFYLRNNQLVAGYLQGPNVNLEEKIDVVPIEPHA
LFLGIHGGKMCLSCVKSGDETRLQLEAVNITDLSENRKQDKRFAFIRSDSGPTTSFESAACPGWFLCTAMEADQPVSLTN
MPDEGVMVTKFYFQEDE
;
_struct_ref.pdbx_db_isoform            ? 
# 
loop_
_struct_ref_seq.align_id 
_struct_ref_seq.ref_id 
_struct_ref_seq.pdbx_PDB_id_code 
_struct_ref_seq.pdbx_strand_id 
_struct_ref_seq.seq_align_beg 
_struct_ref_seq.pdbx_seq_align_beg_ins_code 
_struct_ref_seq.seq_align_end 
_struct_ref_seq.pdbx_seq_align_end_ins_code 
_struct_ref_seq.pdbx_db_accession 
_struct_ref_seq.db_align_beg 
_struct_ref_seq.pdbx_db_align_beg_ins_code 
_struct_ref_seq.db_align_end 
_struct_ref_seq.pdbx_db_align_end_ins_code 
_struct_ref_seq.pdbx_auth_seq_align_beg 
_struct_ref_seq.pdbx_auth_seq_align_end 
1 1 1ILT A 1 ? 152 ? P18510 26 ? 177 ? 1 152 
2 1 1ILT B 1 ? 152 ? P18510 26 ? 177 ? 1 152 
# 
loop_
_pdbx_struct_assembly.id 
_pdbx_struct_assembly.details 
_pdbx_struct_assembly.method_details 
_pdbx_struct_assembly.oligomeric_details 
_pdbx_struct_assembly.oligomeric_count 
1 author_defined_assembly ? monomeric 1 
2 author_defined_assembly ? monomeric 1 
# 
loop_
_pdbx_struct_assembly_gen.assembly_id 
_pdbx_struct_assembly_gen.oper_expression 
_pdbx_struct_assembly_gen.asym_id_list 
1 1 A 
2 1 B 
# 
_pdbx_struct_oper_list.id                   1 
_pdbx_struct_oper_list.type                 'identity operation' 
_pdbx_struct_oper_list.name                 1_555 
_pdbx_struct_oper_list.symmetry_operation   x,y,z 
_pdbx_struct_oper_list.matrix[1][1]         1.0000000000 
_pdbx_struct_oper_list.matrix[1][2]         0.0000000000 
_pdbx_struct_oper_list.matrix[1][3]         0.0000000000 
_pdbx_struct_oper_list.vector[1]            0.0000000000 
_pdbx_struct_oper_list.matrix[2][1]         0.0000000000 
_pdbx_struct_oper_list.matrix[2][2]         1.0000000000 
_pdbx_struct_oper_list.matrix[2][3]         0.0000000000 
_pdbx_struct_oper_list.vector[2]            0.0000000000 
_pdbx_struct_oper_list.matrix[3][1]         0.0000000000 
_pdbx_struct_oper_list.matrix[3][2]         0.0000000000 
_pdbx_struct_oper_list.matrix[3][3]         1.0000000000 
_pdbx_struct_oper_list.vector[3]            0.0000000000 
# 
loop_
_struct_biol.id 
_struct_biol.details 
_struct_biol.pdbx_parent_biol_id 
1 
;TWO INDEPENDENT MOLECULES PER UNIT CELL.

THE TRANSFORMATION PRESENTED ON *MTRIX* RECORDS BELOW WILL
YIELD APPROXIMATE COORDINATES FOR CHAIN *B* WHEN APPLIED TO
CHAIN *A*.
;
? 
2 ? ? 
# 
loop_
_struct_conf.conf_type_id 
_struct_conf.id 
_struct_conf.pdbx_PDB_helix_id 
_struct_conf.beg_label_comp_id 
_struct_conf.beg_label_asym_id 
_struct_conf.beg_label_seq_id 
_struct_conf.pdbx_beg_PDB_ins_code 
_struct_conf.end_label_comp_id 
_struct_conf.end_label_asym_id 
_struct_conf.end_label_seq_id 
_struct_conf.pdbx_end_PDB_ins_code 
_struct_conf.beg_auth_comp_id 
_struct_conf.beg_auth_asym_id 
_struct_conf.beg_auth_seq_id 
_struct_conf.end_auth_comp_id 
_struct_conf.end_auth_asym_id 
_struct_conf.end_auth_seq_id 
_struct_conf.pdbx_PDB_helix_class 
_struct_conf.details 
_struct_conf.pdbx_PDB_helix_length 
HELX_P HELX_P1 H1 GLY A 37 ? GLU A 43 ? GLY A 37 GLU A 43 5 ? 7 
HELX_P HELX_P2 H2 ASN A 84 ? LEU A 88 ? ASN A 84 LEU A 88 5 ? 5 
HELX_P HELX_P3 H3 ARG A 92 ? ALA A 99 ? ARG A 92 ALA A 99 5 ? 8 
HELX_P HELX_P4 H1 GLY B 37 ? GLU B 43 ? GLY B 37 GLU B 43 5 ? 7 
HELX_P HELX_P5 H2 ASN B 84 ? LEU B 88 ? ASN B 84 LEU B 88 5 ? 5 
HELX_P HELX_P6 H3 ARG B 92 ? ALA B 99 ? ARG B 92 ALA B 99 5 ? 8 
# 
_struct_conf_type.id          HELX_P 
_struct_conf_type.criteria    ? 
_struct_conf_type.reference   ? 
# 
loop_
_struct_sheet.id 
_struct_sheet.type 
_struct_sheet.number_strands 
_struct_sheet.details 
A1 ? 7 ? 
A2 ? 2 ? 
A3 ? 2 ? 
A4 ? 2 ? 
B1 ? 7 ? 
B2 ? 2 ? 
B3 ? 2 ? 
B4 ? 2 ? 
# 
loop_
_struct_sheet_order.sheet_id 
_struct_sheet_order.range_id_1 
_struct_sheet_order.range_id_2 
_struct_sheet_order.offset 
_struct_sheet_order.sense 
A1 1 2 ? anti-parallel 
A1 2 3 ? anti-parallel 
A1 3 4 ? anti-parallel 
A1 4 5 ? anti-parallel 
A1 5 6 ? anti-parallel 
A1 6 7 ? anti-parallel 
A2 1 2 ? anti-parallel 
A3 1 2 ? anti-parallel 
A4 1 2 ? anti-parallel 
B1 1 2 ? anti-parallel 
B1 2 3 ? anti-parallel 
B1 3 4 ? anti-parallel 
B1 4 5 ? anti-parallel 
B1 5 6 ? anti-parallel 
B1 6 7 ? anti-parallel 
B2 1 2 ? anti-parallel 
B3 1 2 ? anti-parallel 
B4 1 2 ? anti-parallel 
# 
loop_
_struct_sheet_range.sheet_id 
_struct_sheet_range.id 
_struct_sheet_range.beg_label_comp_id 
_struct_sheet_range.beg_label_asym_id 
_struct_sheet_range.beg_label_seq_id 
_struct_sheet_range.pdbx_beg_PDB_ins_code 
_struct_sheet_range.end_label_comp_id 
_struct_sheet_range.end_label_asym_id 
_struct_sheet_range.end_label_seq_id 
_struct_sheet_range.pdbx_end_PDB_ins_code 
_struct_sheet_range.beg_auth_comp_id 
_struct_sheet_range.beg_auth_asym_id 
_struct_sheet_range.beg_auth_seq_id 
_struct_sheet_range.end_auth_comp_id 
_struct_sheet_range.end_auth_asym_id 
_struct_sheet_range.end_auth_seq_id 
A1 1 MET A 10  ? TRP A 16  ? MET A 10  TRP A 16  
A1 2 GLU A 44  ? VAL A 49  ? GLU A 44  VAL A 49  
A1 3 ALA A 55  ? ILE A 60  ? ALA A 55  ILE A 60  
A1 4 PHE A 100 ? SER A 105 ? PHE A 100 SER A 105 
A1 5 THR A 108 ? GLU A 112 ? THR A 108 GLU A 112 
A1 6 LYS A 145 ? ASP A 151 ? LYS A 145 ASP A 151 
A1 7 MET A 10  ? TRP A 16  ? MET A 10  TRP A 16  
A2 1 THR A 22  ? ARG A 26  ? THR A 22  ARG A 26  
A2 2 GLN A 29  ? GLN A 36  ? GLN A 29  GLN A 36  
A3 1 MET A 65  ? LYS A 71  ? MET A 65  LYS A 71  
A3 2 GLU A 75  ? VAL A 83  ? GLU A 75  VAL A 83  
A4 1 TRP A 119 ? THR A 123 ? TRP A 119 THR A 123 
A4 2 GLN A 129 ? THR A 134 ? GLN A 129 THR A 134 
B1 1 MET B 10  ? TRP B 16  ? MET B 10  TRP B 16  
B1 2 GLU B 44  ? VAL B 49  ? GLU B 44  VAL B 49  
B1 3 ALA B 55  ? ILE B 60  ? ALA B 55  ILE B 60  
B1 4 PHE B 100 ? SER B 105 ? PHE B 100 SER B 105 
B1 5 THR B 108 ? GLU B 112 ? THR B 108 GLU B 112 
B1 6 LYS B 145 ? ASP B 151 ? LYS B 145 ASP B 151 
B1 7 MET B 10  ? TRP B 16  ? MET B 10  TRP B 16  
B2 1 THR B 22  ? ARG B 26  ? THR B 22  ARG B 26  
B2 2 GLN B 29  ? GLN B 36  ? GLN B 29  GLN B 36  
B3 1 MET B 65  ? LYS B 71  ? MET B 65  LYS B 71  
B3 2 GLU B 75  ? VAL B 83  ? GLU B 75  VAL B 83  
B4 1 TRP B 119 ? THR B 123 ? TRP B 119 THR B 123 
B4 2 GLN B 129 ? THR B 134 ? GLN B 129 THR B 134 
# 
_pdbx_database_remark.id     700 
_pdbx_database_remark.text   
;SHEET
THE SHEETS PRESENTED AS A1 AND B1 ON SHEET RECORDS BELOW
ARE ACTUALLY A SIX-STRANDED BETA-BARREL.  THIS IS
REPRESENTED BY A SEVEN-STRANDED SHEET IN WHICH THE FIRST
AND LAST STRANDS ARE IDENTICAL.
;
# 
loop_
_pdbx_unobs_or_zero_occ_residues.id 
_pdbx_unobs_or_zero_occ_residues.PDB_model_num 
_pdbx_unobs_or_zero_occ_residues.polymer_flag 
_pdbx_unobs_or_zero_occ_residues.occupancy_flag 
_pdbx_unobs_or_zero_occ_residues.auth_asym_id 
_pdbx_unobs_or_zero_occ_residues.auth_comp_id 
_pdbx_unobs_or_zero_occ_residues.auth_seq_id 
_pdbx_unobs_or_zero_occ_residues.PDB_ins_code 
_pdbx_unobs_or_zero_occ_residues.label_asym_id 
_pdbx_unobs_or_zero_occ_residues.label_comp_id 
_pdbx_unobs_or_zero_occ_residues.label_seq_id 
1  1 Y 1 A ARG 1 ? A ARG 1 
2  1 Y 1 A PRO 2 ? A PRO 2 
3  1 Y 1 A SER 3 ? A SER 3 
4  1 Y 1 A GLY 4 ? A GLY 4 
5  1 Y 1 A ARG 5 ? A ARG 5 
6  1 Y 1 A LYS 6 ? A LYS 6 
7  1 Y 1 A SER 7 ? A SER 7 
8  1 Y 1 A SER 8 ? A SER 8 
9  1 Y 1 A LYS 9 ? A LYS 9 
10 1 Y 1 B ARG 1 ? B ARG 1 
11 1 Y 1 B PRO 2 ? B PRO 2 
12 1 Y 1 B SER 3 ? B SER 3 
13 1 Y 1 B GLY 4 ? B GLY 4 
14 1 Y 1 B ARG 5 ? B ARG 5 
15 1 Y 1 B LYS 6 ? B LYS 6 
16 1 Y 1 B SER 7 ? B SER 7 
17 1 Y 1 B SER 8 ? B SER 8 
18 1 Y 1 B LYS 9 ? B LYS 9 
# 
loop_
_chem_comp_atom.comp_id 
_chem_comp_atom.atom_id 
_chem_comp_atom.type_symbol 
_chem_comp_atom.pdbx_aromatic_flag 
_chem_comp_atom.pdbx_stereo_config 
_chem_comp_atom.pdbx_ordinal 
ALA N    N N N 1   
ALA CA   C N S 2   
ALA C    C N N 3   
ALA O    O N N 4   
ALA CB   C N N 5   
ALA OXT  O N N 6   
ALA H    H N N 7   
ALA H2   H N N 8   
ALA HA   H N N 9   
ALA HB1  H N N 10  
ALA HB2  H N N 11  
ALA HB3  H N N 12  
ALA HXT  H N N 13  
ARG N    N N N 14  
ARG CA   C N S 15  
ARG C    C N N 16  
ARG O    O N N 17  
ARG CB   C N N 18  
ARG CG   C N N 19  
ARG CD   C N N 20  
ARG NE   N N N 21  
ARG CZ   C N N 22  
ARG NH1  N N N 23  
ARG NH2  N N N 24  
ARG OXT  O N N 25  
ARG H    H N N 26  
ARG H2   H N N 27  
ARG HA   H N N 28  
ARG HB2  H N N 29  
ARG HB3  H N N 30  
ARG HG2  H N N 31  
ARG HG3  H N N 32  
ARG HD2  H N N 33  
ARG HD3  H N N 34  
ARG HE   H N N 35  
ARG HH11 H N N 36  
ARG HH12 H N N 37  
ARG HH21 H N N 38  
ARG HH22 H N N 39  
ARG HXT  H N N 40  
ASN N    N N N 41  
ASN CA   C N S 42  
ASN C    C N N 43  
ASN O    O N N 44  
ASN CB   C N N 45  
ASN CG   C N N 46  
ASN OD1  O N N 47  
ASN ND2  N N N 48  
ASN OXT  O N N 49  
ASN H    H N N 50  
ASN H2   H N N 51  
ASN HA   H N N 52  
ASN HB2  H N N 53  
ASN HB3  H N N 54  
ASN HD21 H N N 55  
ASN HD22 H N N 56  
ASN HXT  H N N 57  
ASP N    N N N 58  
ASP CA   C N S 59  
ASP C    C N N 60  
ASP O    O N N 61  
ASP CB   C N N 62  
ASP CG   C N N 63  
ASP OD1  O N N 64  
ASP OD2  O N N 65  
ASP OXT  O N N 66  
ASP H    H N N 67  
ASP H2   H N N 68  
ASP HA   H N N 69  
ASP HB2  H N N 70  
ASP HB3  H N N 71  
ASP HD2  H N N 72  
ASP HXT  H N N 73  
CYS N    N N N 74  
CYS CA   C N R 75  
CYS C    C N N 76  
CYS O    O N N 77  
CYS CB   C N N 78  
CYS SG   S N N 79  
CYS OXT  O N N 80  
CYS H    H N N 81  
CYS H2   H N N 82  
CYS HA   H N N 83  
CYS HB2  H N N 84  
CYS HB3  H N N 85  
CYS HG   H N N 86  
CYS HXT  H N N 87  
GLN N    N N N 88  
GLN CA   C N S 89  
GLN C    C N N 90  
GLN O    O N N 91  
GLN CB   C N N 92  
GLN CG   C N N 93  
GLN CD   C N N 94  
GLN OE1  O N N 95  
GLN NE2  N N N 96  
GLN OXT  O N N 97  
GLN H    H N N 98  
GLN H2   H N N 99  
GLN HA   H N N 100 
GLN HB2  H N N 101 
GLN HB3  H N N 102 
GLN HG2  H N N 103 
GLN HG3  H N N 104 
GLN HE21 H N N 105 
GLN HE22 H N N 106 
GLN HXT  H N N 107 
GLU N    N N N 108 
GLU CA   C N S 109 
GLU C    C N N 110 
GLU O    O N N 111 
GLU CB   C N N 112 
GLU CG   C N N 113 
GLU CD   C N N 114 
GLU OE1  O N N 115 
GLU OE2  O N N 116 
GLU OXT  O N N 117 
GLU H    H N N 118 
GLU H2   H N N 119 
GLU HA   H N N 120 
GLU HB2  H N N 121 
GLU HB3  H N N 122 
GLU HG2  H N N 123 
GLU HG3  H N N 124 
GLU HE2  H N N 125 
GLU HXT  H N N 126 
GLY N    N N N 127 
GLY CA   C N N 128 
GLY C    C N N 129 
GLY O    O N N 130 
GLY OXT  O N N 131 
GLY H    H N N 132 
GLY H2   H N N 133 
GLY HA2  H N N 134 
GLY HA3  H N N 135 
GLY HXT  H N N 136 
HIS N    N N N 137 
HIS CA   C N S 138 
HIS C    C N N 139 
HIS O    O N N 140 
HIS CB   C N N 141 
HIS CG   C Y N 142 
HIS ND1  N Y N 143 
HIS CD2  C Y N 144 
HIS CE1  C Y N 145 
HIS NE2  N Y N 146 
HIS OXT  O N N 147 
HIS H    H N N 148 
HIS H2   H N N 149 
HIS HA   H N N 150 
HIS HB2  H N N 151 
HIS HB3  H N N 152 
HIS HD1  H N N 153 
HIS HD2  H N N 154 
HIS HE1  H N N 155 
HIS HE2  H N N 156 
HIS HXT  H N N 157 
ILE N    N N N 158 
ILE CA   C N S 159 
ILE C    C N N 160 
ILE O    O N N 161 
ILE CB   C N S 162 
ILE CG1  C N N 163 
ILE CG2  C N N 164 
ILE CD1  C N N 165 
ILE OXT  O N N 166 
ILE H    H N N 167 
ILE H2   H N N 168 
ILE HA   H N N 169 
ILE HB   H N N 170 
ILE HG12 H N N 171 
ILE HG13 H N N 172 
ILE HG21 H N N 173 
ILE HG22 H N N 174 
ILE HG23 H N N 175 
ILE HD11 H N N 176 
ILE HD12 H N N 177 
ILE HD13 H N N 178 
ILE HXT  H N N 179 
LEU N    N N N 180 
LEU CA   C N S 181 
LEU C    C N N 182 
LEU O    O N N 183 
LEU CB   C N N 184 
LEU CG   C N N 185 
LEU CD1  C N N 186 
LEU CD2  C N N 187 
LEU OXT  O N N 188 
LEU H    H N N 189 
LEU H2   H N N 190 
LEU HA   H N N 191 
LEU HB2  H N N 192 
LEU HB3  H N N 193 
LEU HG   H N N 194 
LEU HD11 H N N 195 
LEU HD12 H N N 196 
LEU HD13 H N N 197 
LEU HD21 H N N 198 
LEU HD22 H N N 199 
LEU HD23 H N N 200 
LEU HXT  H N N 201 
LYS N    N N N 202 
LYS CA   C N S 203 
LYS C    C N N 204 
LYS O    O N N 205 
LYS CB   C N N 206 
LYS CG   C N N 207 
LYS CD   C N N 208 
LYS CE   C N N 209 
LYS NZ   N N N 210 
LYS OXT  O N N 211 
LYS H    H N N 212 
LYS H2   H N N 213 
LYS HA   H N N 214 
LYS HB2  H N N 215 
LYS HB3  H N N 216 
LYS HG2  H N N 217 
LYS HG3  H N N 218 
LYS HD2  H N N 219 
LYS HD3  H N N 220 
LYS HE2  H N N 221 
LYS HE3  H N N 222 
LYS HZ1  H N N 223 
LYS HZ2  H N N 224 
LYS HZ3  H N N 225 
LYS HXT  H N N 226 
MET N    N N N 227 
MET CA   C N S 228 
MET C    C N N 229 
MET O    O N N 230 
MET CB   C N N 231 
MET CG   C N N 232 
MET SD   S N N 233 
MET CE   C N N 234 
MET OXT  O N N 235 
MET H    H N N 236 
MET H2   H N N 237 
MET HA   H N N 238 
MET HB2  H N N 239 
MET HB3  H N N 240 
MET HG2  H N N 241 
MET HG3  H N N 242 
MET HE1  H N N 243 
MET HE2  H N N 244 
MET HE3  H N N 245 
MET HXT  H N N 246 
PHE N    N N N 247 
PHE CA   C N S 248 
PHE C    C N N 249 
PHE O    O N N 250 
PHE CB   C N N 251 
PHE CG   C Y N 252 
PHE CD1  C Y N 253 
PHE CD2  C Y N 254 
PHE CE1  C Y N 255 
PHE CE2  C Y N 256 
PHE CZ   C Y N 257 
PHE OXT  O N N 258 
PHE H    H N N 259 
PHE H2   H N N 260 
PHE HA   H N N 261 
PHE HB2  H N N 262 
PHE HB3  H N N 263 
PHE HD1  H N N 264 
PHE HD2  H N N 265 
PHE HE1  H N N 266 
PHE HE2  H N N 267 
PHE HZ   H N N 268 
PHE HXT  H N N 269 
PRO N    N N N 270 
PRO CA   C N S 271 
PRO C    C N N 272 
PRO O    O N N 273 
PRO CB   C N N 274 
PRO CG   C N N 275 
PRO CD   C N N 276 
PRO OXT  O N N 277 
PRO H    H N N 278 
PRO HA   H N N 279 
PRO HB2  H N N 280 
PRO HB3  H N N 281 
PRO HG2  H N N 282 
PRO HG3  H N N 283 
PRO HD2  H N N 284 
PRO HD3  H N N 285 
PRO HXT  H N N 286 
SER N    N N N 287 
SER CA   C N S 288 
SER C    C N N 289 
SER O    O N N 290 
SER CB   C N N 291 
SER OG   O N N 292 
SER OXT  O N N 293 
SER H    H N N 294 
SER H2   H N N 295 
SER HA   H N N 296 
SER HB2  H N N 297 
SER HB3  H N N 298 
SER HG   H N N 299 
SER HXT  H N N 300 
THR N    N N N 301 
THR CA   C N S 302 
THR C    C N N 303 
THR O    O N N 304 
THR CB   C N R 305 
THR OG1  O N N 306 
THR CG2  C N N 307 
THR OXT  O N N 308 
THR H    H N N 309 
THR H2   H N N 310 
THR HA   H N N 311 
THR HB   H N N 312 
THR HG1  H N N 313 
THR HG21 H N N 314 
THR HG22 H N N 315 
THR HG23 H N N 316 
THR HXT  H N N 317 
TRP N    N N N 318 
TRP CA   C N S 319 
TRP C    C N N 320 
TRP O    O N N 321 
TRP CB   C N N 322 
TRP CG   C Y N 323 
TRP CD1  C Y N 324 
TRP CD2  C Y N 325 
TRP NE1  N Y N 326 
TRP CE2  C Y N 327 
TRP CE3  C Y N 328 
TRP CZ2  C Y N 329 
TRP CZ3  C Y N 330 
TRP CH2  C Y N 331 
TRP OXT  O N N 332 
TRP H    H N N 333 
TRP H2   H N N 334 
TRP HA   H N N 335 
TRP HB2  H N N 336 
TRP HB3  H N N 337 
TRP HD1  H N N 338 
TRP HE1  H N N 339 
TRP HE3  H N N 340 
TRP HZ2  H N N 341 
TRP HZ3  H N N 342 
TRP HH2  H N N 343 
TRP HXT  H N N 344 
TYR N    N N N 345 
TYR CA   C N S 346 
TYR C    C N N 347 
TYR O    O N N 348 
TYR CB   C N N 349 
TYR CG   C Y N 350 
TYR CD1  C Y N 351 
TYR CD2  C Y N 352 
TYR CE1  C Y N 353 
TYR CE2  C Y N 354 
TYR CZ   C Y N 355 
TYR OH   O N N 356 
TYR OXT  O N N 357 
TYR H    H N N 358 
TYR H2   H N N 359 
TYR HA   H N N 360 
TYR HB2  H N N 361 
TYR HB3  H N N 362 
TYR HD1  H N N 363 
TYR HD2  H N N 364 
TYR HE1  H N N 365 
TYR HE2  H N N 366 
TYR HH   H N N 367 
TYR HXT  H N N 368 
VAL N    N N N 369 
VAL CA   C N S 370 
VAL C    C N N 371 
VAL O    O N N 372 
VAL CB   C N N 373 
VAL CG1  C N N 374 
VAL CG2  C N N 375 
VAL OXT  O N N 376 
VAL H    H N N 377 
VAL H2   H N N 378 
VAL HA   H N N 379 
VAL HB   H N N 380 
VAL HG11 H N N 381 
VAL HG12 H N N 382 
VAL HG13 H N N 383 
VAL HG21 H N N 384 
VAL HG22 H N N 385 
VAL HG23 H N N 386 
VAL HXT  H N N 387 
# 
loop_
_chem_comp_bond.comp_id 
_chem_comp_bond.atom_id_1 
_chem_comp_bond.atom_id_2 
_chem_comp_bond.value_order 
_chem_comp_bond.pdbx_aromatic_flag 
_chem_comp_bond.pdbx_stereo_config 
_chem_comp_bond.pdbx_ordinal 
ALA N   CA   sing N N 1   
ALA N   H    sing N N 2   
ALA N   H2   sing N N 3   
ALA CA  C    sing N N 4   
ALA CA  CB   sing N N 5   
ALA CA  HA   sing N N 6   
ALA C   O    doub N N 7   
ALA C   OXT  sing N N 8   
ALA CB  HB1  sing N N 9   
ALA CB  HB2  sing N N 10  
ALA CB  HB3  sing N N 11  
ALA OXT HXT  sing N N 12  
ARG N   CA   sing N N 13  
ARG N   H    sing N N 14  
ARG N   H2   sing N N 15  
ARG CA  C    sing N N 16  
ARG CA  CB   sing N N 17  
ARG CA  HA   sing N N 18  
ARG C   O    doub N N 19  
ARG C   OXT  sing N N 20  
ARG CB  CG   sing N N 21  
ARG CB  HB2  sing N N 22  
ARG CB  HB3  sing N N 23  
ARG CG  CD   sing N N 24  
ARG CG  HG2  sing N N 25  
ARG CG  HG3  sing N N 26  
ARG CD  NE   sing N N 27  
ARG CD  HD2  sing N N 28  
ARG CD  HD3  sing N N 29  
ARG NE  CZ   sing N N 30  
ARG NE  HE   sing N N 31  
ARG CZ  NH1  sing N N 32  
ARG CZ  NH2  doub N N 33  
ARG NH1 HH11 sing N N 34  
ARG NH1 HH12 sing N N 35  
ARG NH2 HH21 sing N N 36  
ARG NH2 HH22 sing N N 37  
ARG OXT HXT  sing N N 38  
ASN N   CA   sing N N 39  
ASN N   H    sing N N 40  
ASN N   H2   sing N N 41  
ASN CA  C    sing N N 42  
ASN CA  CB   sing N N 43  
ASN CA  HA   sing N N 44  
ASN C   O    doub N N 45  
ASN C   OXT  sing N N 46  
ASN CB  CG   sing N N 47  
ASN CB  HB2  sing N N 48  
ASN CB  HB3  sing N N 49  
ASN CG  OD1  doub N N 50  
ASN CG  ND2  sing N N 51  
ASN ND2 HD21 sing N N 52  
ASN ND2 HD22 sing N N 53  
ASN OXT HXT  sing N N 54  
ASP N   CA   sing N N 55  
ASP N   H    sing N N 56  
ASP N   H2   sing N N 57  
ASP CA  C    sing N N 58  
ASP CA  CB   sing N N 59  
ASP CA  HA   sing N N 60  
ASP C   O    doub N N 61  
ASP C   OXT  sing N N 62  
ASP CB  CG   sing N N 63  
ASP CB  HB2  sing N N 64  
ASP CB  HB3  sing N N 65  
ASP CG  OD1  doub N N 66  
ASP CG  OD2  sing N N 67  
ASP OD2 HD2  sing N N 68  
ASP OXT HXT  sing N N 69  
CYS N   CA   sing N N 70  
CYS N   H    sing N N 71  
CYS N   H2   sing N N 72  
CYS CA  C    sing N N 73  
CYS CA  CB   sing N N 74  
CYS CA  HA   sing N N 75  
CYS C   O    doub N N 76  
CYS C   OXT  sing N N 77  
CYS CB  SG   sing N N 78  
CYS CB  HB2  sing N N 79  
CYS CB  HB3  sing N N 80  
CYS SG  HG   sing N N 81  
CYS OXT HXT  sing N N 82  
GLN N   CA   sing N N 83  
GLN N   H    sing N N 84  
GLN N   H2   sing N N 85  
GLN CA  C    sing N N 86  
GLN CA  CB   sing N N 87  
GLN CA  HA   sing N N 88  
GLN C   O    doub N N 89  
GLN C   OXT  sing N N 90  
GLN CB  CG   sing N N 91  
GLN CB  HB2  sing N N 92  
GLN CB  HB3  sing N N 93  
GLN CG  CD   sing N N 94  
GLN CG  HG2  sing N N 95  
GLN CG  HG3  sing N N 96  
GLN CD  OE1  doub N N 97  
GLN CD  NE2  sing N N 98  
GLN NE2 HE21 sing N N 99  
GLN NE2 HE22 sing N N 100 
GLN OXT HXT  sing N N 101 
GLU N   CA   sing N N 102 
GLU N   H    sing N N 103 
GLU N   H2   sing N N 104 
GLU CA  C    sing N N 105 
GLU CA  CB   sing N N 106 
GLU CA  HA   sing N N 107 
GLU C   O    doub N N 108 
GLU C   OXT  sing N N 109 
GLU CB  CG   sing N N 110 
GLU CB  HB2  sing N N 111 
GLU CB  HB3  sing N N 112 
GLU CG  CD   sing N N 113 
GLU CG  HG2  sing N N 114 
GLU CG  HG3  sing N N 115 
GLU CD  OE1  doub N N 116 
GLU CD  OE2  sing N N 117 
GLU OE2 HE2  sing N N 118 
GLU OXT HXT  sing N N 119 
GLY N   CA   sing N N 120 
GLY N   H    sing N N 121 
GLY N   H2   sing N N 122 
GLY CA  C    sing N N 123 
GLY CA  HA2  sing N N 124 
GLY CA  HA3  sing N N 125 
GLY C   O    doub N N 126 
GLY C   OXT  sing N N 127 
GLY OXT HXT  sing N N 128 
HIS N   CA   sing N N 129 
HIS N   H    sing N N 130 
HIS N   H2   sing N N 131 
HIS CA  C    sing N N 132 
HIS CA  CB   sing N N 133 
HIS CA  HA   sing N N 134 
HIS C   O    doub N N 135 
HIS C   OXT  sing N N 136 
HIS CB  CG   sing N N 137 
HIS CB  HB2  sing N N 138 
HIS CB  HB3  sing N N 139 
HIS CG  ND1  sing Y N 140 
HIS CG  CD2  doub Y N 141 
HIS ND1 CE1  doub Y N 142 
HIS ND1 HD1  sing N N 143 
HIS CD2 NE2  sing Y N 144 
HIS CD2 HD2  sing N N 145 
HIS CE1 NE2  sing Y N 146 
HIS CE1 HE1  sing N N 147 
HIS NE2 HE2  sing N N 148 
HIS OXT HXT  sing N N 149 
ILE N   CA   sing N N 150 
ILE N   H    sing N N 151 
ILE N   H2   sing N N 152 
ILE CA  C    sing N N 153 
ILE CA  CB   sing N N 154 
ILE CA  HA   sing N N 155 
ILE C   O    doub N N 156 
ILE C   OXT  sing N N 157 
ILE CB  CG1  sing N N 158 
ILE CB  CG2  sing N N 159 
ILE CB  HB   sing N N 160 
ILE CG1 CD1  sing N N 161 
ILE CG1 HG12 sing N N 162 
ILE CG1 HG13 sing N N 163 
ILE CG2 HG21 sing N N 164 
ILE CG2 HG22 sing N N 165 
ILE CG2 HG23 sing N N 166 
ILE CD1 HD11 sing N N 167 
ILE CD1 HD12 sing N N 168 
ILE CD1 HD13 sing N N 169 
ILE OXT HXT  sing N N 170 
LEU N   CA   sing N N 171 
LEU N   H    sing N N 172 
LEU N   H2   sing N N 173 
LEU CA  C    sing N N 174 
LEU CA  CB   sing N N 175 
LEU CA  HA   sing N N 176 
LEU C   O    doub N N 177 
LEU C   OXT  sing N N 178 
LEU CB  CG   sing N N 179 
LEU CB  HB2  sing N N 180 
LEU CB  HB3  sing N N 181 
LEU CG  CD1  sing N N 182 
LEU CG  CD2  sing N N 183 
LEU CG  HG   sing N N 184 
LEU CD1 HD11 sing N N 185 
LEU CD1 HD12 sing N N 186 
LEU CD1 HD13 sing N N 187 
LEU CD2 HD21 sing N N 188 
LEU CD2 HD22 sing N N 189 
LEU CD2 HD23 sing N N 190 
LEU OXT HXT  sing N N 191 
LYS N   CA   sing N N 192 
LYS N   H    sing N N 193 
LYS N   H2   sing N N 194 
LYS CA  C    sing N N 195 
LYS CA  CB   sing N N 196 
LYS CA  HA   sing N N 197 
LYS C   O    doub N N 198 
LYS C   OXT  sing N N 199 
LYS CB  CG   sing N N 200 
LYS CB  HB2  sing N N 201 
LYS CB  HB3  sing N N 202 
LYS CG  CD   sing N N 203 
LYS CG  HG2  sing N N 204 
LYS CG  HG3  sing N N 205 
LYS CD  CE   sing N N 206 
LYS CD  HD2  sing N N 207 
LYS CD  HD3  sing N N 208 
LYS CE  NZ   sing N N 209 
LYS CE  HE2  sing N N 210 
LYS CE  HE3  sing N N 211 
LYS NZ  HZ1  sing N N 212 
LYS NZ  HZ2  sing N N 213 
LYS NZ  HZ3  sing N N 214 
LYS OXT HXT  sing N N 215 
MET N   CA   sing N N 216 
MET N   H    sing N N 217 
MET N   H2   sing N N 218 
MET CA  C    sing N N 219 
MET CA  CB   sing N N 220 
MET CA  HA   sing N N 221 
MET C   O    doub N N 222 
MET C   OXT  sing N N 223 
MET CB  CG   sing N N 224 
MET CB  HB2  sing N N 225 
MET CB  HB3  sing N N 226 
MET CG  SD   sing N N 227 
MET CG  HG2  sing N N 228 
MET CG  HG3  sing N N 229 
MET SD  CE   sing N N 230 
MET CE  HE1  sing N N 231 
MET CE  HE2  sing N N 232 
MET CE  HE3  sing N N 233 
MET OXT HXT  sing N N 234 
PHE N   CA   sing N N 235 
PHE N   H    sing N N 236 
PHE N   H2   sing N N 237 
PHE CA  C    sing N N 238 
PHE CA  CB   sing N N 239 
PHE CA  HA   sing N N 240 
PHE C   O    doub N N 241 
PHE C   OXT  sing N N 242 
PHE CB  CG   sing N N 243 
PHE CB  HB2  sing N N 244 
PHE CB  HB3  sing N N 245 
PHE CG  CD1  doub Y N 246 
PHE CG  CD2  sing Y N 247 
PHE CD1 CE1  sing Y N 248 
PHE CD1 HD1  sing N N 249 
PHE CD2 CE2  doub Y N 250 
PHE CD2 HD2  sing N N 251 
PHE CE1 CZ   doub Y N 252 
PHE CE1 HE1  sing N N 253 
PHE CE2 CZ   sing Y N 254 
PHE CE2 HE2  sing N N 255 
PHE CZ  HZ   sing N N 256 
PHE OXT HXT  sing N N 257 
PRO N   CA   sing N N 258 
PRO N   CD   sing N N 259 
PRO N   H    sing N N 260 
PRO CA  C    sing N N 261 
PRO CA  CB   sing N N 262 
PRO CA  HA   sing N N 263 
PRO C   O    doub N N 264 
PRO C   OXT  sing N N 265 
PRO CB  CG   sing N N 266 
PRO CB  HB2  sing N N 267 
PRO CB  HB3  sing N N 268 
PRO CG  CD   sing N N 269 
PRO CG  HG2  sing N N 270 
PRO CG  HG3  sing N N 271 
PRO CD  HD2  sing N N 272 
PRO CD  HD3  sing N N 273 
PRO OXT HXT  sing N N 274 
SER N   CA   sing N N 275 
SER N   H    sing N N 276 
SER N   H2   sing N N 277 
SER CA  C    sing N N 278 
SER CA  CB   sing N N 279 
SER CA  HA   sing N N 280 
SER C   O    doub N N 281 
SER C   OXT  sing N N 282 
SER CB  OG   sing N N 283 
SER CB  HB2  sing N N 284 
SER CB  HB3  sing N N 285 
SER OG  HG   sing N N 286 
SER OXT HXT  sing N N 287 
THR N   CA   sing N N 288 
THR N   H    sing N N 289 
THR N   H2   sing N N 290 
THR CA  C    sing N N 291 
THR CA  CB   sing N N 292 
THR CA  HA   sing N N 293 
THR C   O    doub N N 294 
THR C   OXT  sing N N 295 
THR CB  OG1  sing N N 296 
THR CB  CG2  sing N N 297 
THR CB  HB   sing N N 298 
THR OG1 HG1  sing N N 299 
THR CG2 HG21 sing N N 300 
THR CG2 HG22 sing N N 301 
THR CG2 HG23 sing N N 302 
THR OXT HXT  sing N N 303 
TRP N   CA   sing N N 304 
TRP N   H    sing N N 305 
TRP N   H2   sing N N 306 
TRP CA  C    sing N N 307 
TRP CA  CB   sing N N 308 
TRP CA  HA   sing N N 309 
TRP C   O    doub N N 310 
TRP C   OXT  sing N N 311 
TRP CB  CG   sing N N 312 
TRP CB  HB2  sing N N 313 
TRP CB  HB3  sing N N 314 
TRP CG  CD1  doub Y N 315 
TRP CG  CD2  sing Y N 316 
TRP CD1 NE1  sing Y N 317 
TRP CD1 HD1  sing N N 318 
TRP CD2 CE2  doub Y N 319 
TRP CD2 CE3  sing Y N 320 
TRP NE1 CE2  sing Y N 321 
TRP NE1 HE1  sing N N 322 
TRP CE2 CZ2  sing Y N 323 
TRP CE3 CZ3  doub Y N 324 
TRP CE3 HE3  sing N N 325 
TRP CZ2 CH2  doub Y N 326 
TRP CZ2 HZ2  sing N N 327 
TRP CZ3 CH2  sing Y N 328 
TRP CZ3 HZ3  sing N N 329 
TRP CH2 HH2  sing N N 330 
TRP OXT HXT  sing N N 331 
TYR N   CA   sing N N 332 
TYR N   H    sing N N 333 
TYR N   H2   sing N N 334 
TYR CA  C    sing N N 335 
TYR CA  CB   sing N N 336 
TYR CA  HA   sing N N 337 
TYR C   O    doub N N 338 
TYR C   OXT  sing N N 339 
TYR CB  CG   sing N N 340 
TYR CB  HB2  sing N N 341 
TYR CB  HB3  sing N N 342 
TYR CG  CD1  doub Y N 343 
TYR CG  CD2  sing Y N 344 
TYR CD1 CE1  sing Y N 345 
TYR CD1 HD1  sing N N 346 
TYR CD2 CE2  doub Y N 347 
TYR CD2 HD2  sing N N 348 
TYR CE1 CZ   doub Y N 349 
TYR CE1 HE1  sing N N 350 
TYR CE2 CZ   sing Y N 351 
TYR CE2 HE2  sing N N 352 
TYR CZ  OH   sing N N 353 
TYR OH  HH   sing N N 354 
TYR OXT HXT  sing N N 355 
VAL N   CA   sing N N 356 
VAL N   H    sing N N 357 
VAL N   H2   sing N N 358 
VAL CA  C    sing N N 359 
VAL CA  CB   sing N N 360 
VAL CA  HA   sing N N 361 
VAL C   O    doub N N 362 
VAL C   OXT  sing N N 363 
VAL CB  CG1  sing N N 364 
VAL CB  CG2  sing N N 365 
VAL CB  HB   sing N N 366 
VAL CG1 HG11 sing N N 367 
VAL CG1 HG12 sing N N 368 
VAL CG1 HG13 sing N N 369 
VAL CG2 HG21 sing N N 370 
VAL CG2 HG22 sing N N 371 
VAL CG2 HG23 sing N N 372 
VAL OXT HXT  sing N N 373 
# 
loop_
_pdbx_coordinate_model.asym_id 
_pdbx_coordinate_model.type 
A 'CA ATOMS ONLY' 
B 'CA ATOMS ONLY' 
# 
_atom_sites.entry_id                    1ILT 
_atom_sites.fract_transf_matrix[1][1]   0.00879406 
_atom_sites.fract_transf_matrix[1][2]   0.00954220 
_atom_sites.fract_transf_matrix[1][3]   0.00542024 
_atom_sites.fract_transf_matrix[2][1]   0.01092684 
_atom_sites.fract_transf_matrix[2][2]   -0.00696915 
_atom_sites.fract_transf_matrix[2][3]   -0.00545922 
_atom_sites.fract_transf_matrix[3][1]   -0.00064291 
_atom_sites.fract_transf_matrix[3][2]   0.00481496 
_atom_sites.fract_transf_matrix[3][3]   -0.00743352 
_atom_sites.fract_transf_vector[1]      0.265120 
_atom_sites.fract_transf_vector[2]      0.504705 
_atom_sites.fract_transf_vector[3]      0.615103 
# 
loop_
_atom_sites_footnote.id 
_atom_sites_footnote.text 
1 'CIS PROLINE - PRO A    53' 
2 'CIS PROLINE - PRO B    53' 
# 
_atom_type.symbol   C 
# 
loop_
_atom_site.group_PDB 
_atom_site.id 
_atom_site.type_symbol 
_atom_site.label_atom_id 
_atom_site.label_alt_id 
_atom_site.label_comp_id 
_atom_site.label_asym_id 
_atom_site.label_entity_id 
_atom_site.label_seq_id 
_atom_site.pdbx_PDB_ins_code 
_atom_site.Cartn_x 
_atom_site.Cartn_y 
_atom_site.Cartn_z 
_atom_site.occupancy 
_atom_site.B_iso_or_equiv 
_atom_site.pdbx_formal_charge 
_atom_site.auth_seq_id 
_atom_site.auth_comp_id 
_atom_site.auth_asym_id 
_atom_site.auth_atom_id 
_atom_site.pdbx_PDB_model_num 
ATOM 1   C CA . MET A 1 10  ? -30.272 -10.370 35.093  1.00 25.78 ? 10  MET A CA 1 
ATOM 2   C CA . GLN A 1 11  ? -30.988 -12.796 32.232  1.00 23.05 ? 11  GLN A CA 1 
ATOM 3   C CA . ALA A 1 12  ? -29.126 -16.070 31.632  1.00 20.89 ? 12  ALA A CA 1 
ATOM 4   C CA . PHE A 1 13  ? -27.863 -16.916 28.058  1.00 20.31 ? 13  PHE A CA 1 
ATOM 5   C CA . ARG A 1 14  ? -25.807 -19.659 26.422  1.00 17.09 ? 14  ARG A CA 1 
ATOM 6   C CA . ILE A 1 15  ? -22.968 -18.758 24.075  1.00 12.79 ? 15  ILE A CA 1 
ATOM 7   C CA . TRP A 1 16  ? -20.859 -20.511 21.448  1.00 13.15 ? 16  TRP A CA 1 
ATOM 8   C CA . ASP A 1 17  ? -18.930 -19.130 18.510  1.00 13.51 ? 17  ASP A CA 1 
ATOM 9   C CA . VAL A 1 18  ? -19.501 -19.883 14.856  1.00 17.23 ? 18  VAL A CA 1 
ATOM 10  C CA . ASN A 1 19  ? -16.963 -22.725 15.189  1.00 17.77 ? 19  ASN A CA 1 
ATOM 11  C CA . GLN A 1 20  ? -18.853 -24.355 18.068  1.00 12.57 ? 20  GLN A CA 1 
ATOM 12  C CA . LYS A 1 21  ? -16.426 -23.335 20.814  1.00 13.54 ? 21  LYS A CA 1 
ATOM 13  C CA . THR A 1 22  ? -17.907 -22.732 24.316  1.00 15.12 ? 22  THR A CA 1 
ATOM 14  C CA . PHE A 1 23  ? -16.535 -20.675 27.233  1.00 13.76 ? 23  PHE A CA 1 
ATOM 15  C CA . TYR A 1 24  ? -15.144 -22.316 30.384  1.00 14.50 ? 24  TYR A CA 1 
ATOM 16  C CA . LEU A 1 25  ? -12.541 -21.287 32.976  1.00 19.33 ? 25  LEU A CA 1 
ATOM 17  C CA . ARG A 1 26  ? -9.092  -22.792 32.644  1.00 28.34 ? 26  ARG A CA 1 
ATOM 18  C CA . ASN A 1 27  ? -6.834  -22.136 35.586  1.00 37.77 ? 27  ASN A CA 1 
ATOM 19  C CA . ASN A 1 28  ? -8.583  -18.783 36.195  1.00 34.50 ? 28  ASN A CA 1 
ATOM 20  C CA . GLN A 1 29  ? -9.114  -17.161 32.869  1.00 28.51 ? 29  GLN A CA 1 
ATOM 21  C CA . LEU A 1 30  ? -11.884 -17.573 30.318  1.00 19.34 ? 30  LEU A CA 1 
ATOM 22  C CA . VAL A 1 31  ? -10.840 -19.701 27.394  1.00 16.33 ? 31  VAL A CA 1 
ATOM 23  C CA . ALA A 1 32  ? -12.934 -21.045 24.578  1.00 16.43 ? 32  ALA A CA 1 
ATOM 24  C CA . GLY A 1 33  ? -12.864 -24.676 23.576  1.00 17.33 ? 33  GLY A CA 1 
ATOM 25  C CA . TYR A 1 34  ? -14.431 -27.977 22.618  1.00 18.82 ? 34  TYR A CA 1 
ATOM 26  C CA . LEU A 1 35  ? -15.732 -29.683 25.696  1.00 21.84 ? 35  LEU A CA 1 
ATOM 27  C CA . GLN A 1 36  ? -16.412 -33.385 25.734  1.00 25.76 ? 36  GLN A CA 1 
ATOM 28  C CA . GLY A 1 37  ? -17.454 -36.182 28.008  1.00 24.56 ? 37  GLY A CA 1 
ATOM 29  C CA . PRO A 1 38  ? -17.596 -35.211 31.691  1.00 22.13 ? 38  PRO A CA 1 
ATOM 30  C CA . ASN A 1 39  ? -16.166 -31.792 30.859  1.00 24.37 ? 39  ASN A CA 1 
ATOM 31  C CA . VAL A 1 40  ? -19.369 -30.467 29.363  1.00 17.90 ? 40  VAL A CA 1 
ATOM 32  C CA . ASN A 1 41  ? -20.340 -29.543 32.907  1.00 18.04 ? 41  ASN A CA 1 
ATOM 33  C CA . LEU A 1 42  ? -17.679 -26.775 32.528  1.00 19.71 ? 42  LEU A CA 1 
ATOM 34  C CA . GLU A 1 43  ? -19.594 -24.619 30.069  1.00 19.30 ? 43  GLU A CA 1 
ATOM 35  C CA . GLU A 1 44  ? -20.136 -21.051 31.215  1.00 15.97 ? 44  GLU A CA 1 
ATOM 36  C CA . LYS A 1 45  ? -23.526 -19.394 30.800  1.00 17.51 ? 45  LYS A CA 1 
ATOM 37  C CA . ILE A 1 46  ? -23.476 -15.679 30.213  1.00 18.21 ? 46  ILE A CA 1 
ATOM 38  C CA . ASP A 1 47  ? -25.316 -13.546 32.750  1.00 18.37 ? 47  ASP A CA 1 
ATOM 39  C CA . VAL A 1 48  ? -26.374 -10.221 31.299  1.00 18.90 ? 48  VAL A CA 1 
ATOM 40  C CA . VAL A 1 49  ? -28.050 -7.020  32.502  1.00 19.29 ? 49  VAL A CA 1 
ATOM 41  C CA . PRO A 1 50  ? -29.177 -4.884  29.550  1.00 24.64 ? 50  PRO A CA 1 
ATOM 42  C CA . ILE A 1 51  ? -28.699 -1.131  29.432  1.00 31.17 ? 51  ILE A CA 1 
ATOM 43  C CA . GLU A 1 52  ? -30.337 0.866   26.602  1.00 36.93 ? 52  GLU A CA 1 
ATOM 44  C CA . PRO A 1 53  ? -30.729 1.118   23.891  1.00 35.91 ? 53  PRO A CA 1 
ATOM 45  C CA . HIS A 1 54  ? -28.153 -1.512  22.823  1.00 33.87 ? 54  HIS A CA 1 
ATOM 46  C CA . ALA A 1 55  ? -25.668 -2.066  25.615  1.00 26.50 ? 55  ALA A CA 1 
ATOM 47  C CA . LEU A 1 56  ? -25.373 -4.633  28.379  1.00 18.50 ? 56  LEU A CA 1 
ATOM 48  C CA . PHE A 1 57  ? -23.186 -5.820  31.252  1.00 17.27 ? 57  PHE A CA 1 
ATOM 49  C CA . LEU A 1 58  ? -21.676 -9.327  30.778  1.00 17.19 ? 58  LEU A CA 1 
ATOM 50  C CA . GLY A 1 59  ? -20.657 -11.688 33.585  1.00 14.39 ? 59  GLY A CA 1 
ATOM 51  C CA . ILE A 1 60  ? -20.633 -15.342 34.691  1.00 17.17 ? 60  ILE A CA 1 
ATOM 52  C CA . HIS A 1 61  ? -21.104 -17.391 37.876  1.00 21.42 ? 61  HIS A CA 1 
ATOM 53  C CA . GLY A 1 62  ? -24.485 -15.908 38.580  1.00 21.07 ? 62  GLY A CA 1 
ATOM 54  C CA . GLY A 1 63  ? -23.112 -12.464 38.004  1.00 19.04 ? 63  GLY A CA 1 
ATOM 55  C CA . LYS A 1 64  ? -20.421 -12.604 40.700  1.00 18.29 ? 64  LYS A CA 1 
ATOM 56  C CA . MET A 1 65  ? -17.803 -11.962 38.013  1.00 19.71 ? 65  MET A CA 1 
ATOM 57  C CA . CYS A 1 66  ? -17.927 -9.420  35.211  1.00 15.13 ? 66  CYS A CA 1 
ATOM 58  C CA . LEU A 1 67  ? -16.027 -9.210  31.934  1.00 15.02 ? 67  LEU A CA 1 
ATOM 59  C CA . SER A 1 68  ? -13.912 -5.999  31.814  1.00 16.17 ? 68  SER A CA 1 
ATOM 60  C CA . CYS A 1 69  ? -12.109 -4.053  29.033  1.00 16.86 ? 69  CYS A CA 1 
ATOM 61  C CA . VAL A 1 70  ? -8.922  -2.281  30.175  1.00 17.98 ? 70  VAL A CA 1 
ATOM 62  C CA . LYS A 1 71  ? -6.202  -0.313  28.313  1.00 23.28 ? 71  LYS A CA 1 
ATOM 63  C CA . SER A 1 72  ? -2.431  -0.597  28.527  1.00 32.68 ? 72  SER A CA 1 
ATOM 64  C CA . GLY A 1 73  ? -0.680  1.616   26.032  1.00 37.29 ? 73  GLY A CA 1 
ATOM 65  C CA . ASP A 1 74  ? -2.071  1.047   22.525  1.00 38.93 ? 74  ASP A CA 1 
ATOM 66  C CA . GLU A 1 75  ? -3.321  -2.304  23.758  1.00 34.00 ? 75  GLU A CA 1 
ATOM 67  C CA . THR A 1 76  ? -6.734  -3.216  25.260  1.00 24.68 ? 76  THR A CA 1 
ATOM 68  C CA . ARG A 1 77  ? -7.183  -6.479  27.161  1.00 20.14 ? 77  ARG A CA 1 
ATOM 69  C CA . LEU A 1 78  ? -10.073 -8.514  28.612  1.00 17.95 ? 78  LEU A CA 1 
ATOM 70  C CA . GLN A 1 79  ? -10.144 -9.371  32.269  1.00 16.16 ? 79  GLN A CA 1 
ATOM 71  C CA . LEU A 1 80  ? -12.615 -10.793 34.769  1.00 18.98 ? 80  LEU A CA 1 
ATOM 72  C CA . GLU A 1 81  ? -13.209 -8.753  37.896  1.00 17.09 ? 81  GLU A CA 1 
ATOM 73  C CA . ALA A 1 82  ? -15.042 -9.963  41.004  1.00 16.90 ? 82  ALA A CA 1 
ATOM 74  C CA . VAL A 1 83  ? -17.814 -7.410  41.243  1.00 19.98 ? 83  VAL A CA 1 
ATOM 75  C CA . ASN A 1 84  ? -21.526 -8.025  41.424  1.00 19.36 ? 84  ASN A CA 1 
ATOM 76  C CA . ILE A 1 85  ? -23.262 -7.483  38.079  1.00 16.03 ? 85  ILE A CA 1 
ATOM 77  C CA . THR A 1 86  ? -26.453 -6.016  39.582  1.00 21.95 ? 86  THR A CA 1 
ATOM 78  C CA . ASP A 1 87  ? -24.295 -3.496  41.451  1.00 20.54 ? 87  ASP A CA 1 
ATOM 79  C CA . LEU A 1 88  ? -22.976 -1.939  38.215  1.00 18.19 ? 88  LEU A CA 1 
ATOM 80  C CA . SER A 1 89  ? -24.412 1.333   37.028  1.00 23.67 ? 89  SER A CA 1 
ATOM 81  C CA . GLU A 1 90  ? -24.990 2.483   33.468  1.00 29.48 ? 90  GLU A CA 1 
ATOM 82  C CA . ASN A 1 91  ? -24.487 6.073   34.739  1.00 30.31 ? 91  ASN A CA 1 
ATOM 83  C CA . ARG A 1 92  ? -21.312 5.712   36.834  1.00 27.76 ? 92  ARG A CA 1 
ATOM 84  C CA . LYS A 1 93  ? -18.417 6.392   34.412  1.00 27.83 ? 93  LYS A CA 1 
ATOM 85  C CA . GLN A 1 94  ? -16.255 4.210   36.656  1.00 26.12 ? 94  GLN A CA 1 
ATOM 86  C CA . ASP A 1 95  ? -18.401 1.272   35.500  1.00 20.18 ? 95  ASP A CA 1 
ATOM 87  C CA . LYS A 1 96  ? -18.082 1.809   31.755  1.00 23.56 ? 96  LYS A CA 1 
ATOM 88  C CA . ARG A 1 97  ? -15.173 -0.663  31.626  1.00 16.30 ? 97  ARG A CA 1 
ATOM 89  C CA . PHE A 1 98  ? -17.961 -3.313  31.901  1.00 12.84 ? 98  PHE A CA 1 
ATOM 90  C CA . ALA A 1 99  ? -20.335 -2.137  29.152  1.00 14.18 ? 99  ALA A CA 1 
ATOM 91  C CA . PHE A 1 100 ? -20.562 -3.673  25.666  1.00 15.15 ? 100 PHE A CA 1 
ATOM 92  C CA . ILE A 1 101 ? -22.804 -2.783  22.739  1.00 18.84 ? 101 ILE A CA 1 
ATOM 93  C CA . ARG A 1 102 ? -24.671 -5.702  21.243  1.00 19.89 ? 102 ARG A CA 1 
ATOM 94  C CA . SER A 1 103 ? -25.087 -6.110  17.503  1.00 24.61 ? 103 SER A CA 1 
ATOM 95  C CA . ASP A 1 104 ? -26.734 -8.892  15.524  1.00 28.95 ? 104 ASP A CA 1 
ATOM 96  C CA . SER A 1 105 ? -26.270 -9.914  11.937  1.00 30.45 ? 105 SER A CA 1 
ATOM 97  C CA . GLY A 1 106 ? -28.849 -12.479 11.023  1.00 26.96 ? 106 GLY A CA 1 
ATOM 98  C CA . PRO A 1 107 ? -28.373 -15.381 13.515  1.00 24.89 ? 107 PRO A CA 1 
ATOM 99  C CA . THR A 1 108 ? -25.176 -14.019 15.128  1.00 22.22 ? 108 THR A CA 1 
ATOM 100 C CA . THR A 1 109 ? -24.254 -11.352 17.643  1.00 22.39 ? 109 THR A CA 1 
ATOM 101 C CA . SER A 1 110 ? -21.085 -9.327  18.216  1.00 19.13 ? 110 SER A CA 1 
ATOM 102 C CA . PHE A 1 111 ? -20.082 -7.294  21.245  1.00 15.56 ? 111 PHE A CA 1 
ATOM 103 C CA . GLU A 1 112 ? -18.193 -4.028  20.971  1.00 14.58 ? 112 GLU A CA 1 
ATOM 104 C CA . SER A 1 113 ? -16.490 -2.507  24.002  1.00 16.00 ? 113 SER A CA 1 
ATOM 105 C CA . ALA A 1 114 ? -18.164 0.702   25.074  1.00 19.08 ? 114 ALA A CA 1 
ATOM 106 C CA . ALA A 1 115 ? -15.094 1.642   27.125  1.00 20.49 ? 115 ALA A CA 1 
ATOM 107 C CA . CYS A 1 116 ? -12.658 1.000   24.273  1.00 22.98 ? 116 CYS A CA 1 
ATOM 108 C CA . PRO A 1 117 ? -14.563 1.620   20.946  1.00 21.44 ? 117 PRO A CA 1 
ATOM 109 C CA . GLY A 1 118 ? -13.462 -0.523  18.042  1.00 17.00 ? 118 GLY A CA 1 
ATOM 110 C CA . TRP A 1 119 ? -12.527 -3.496  20.192  1.00 16.17 ? 119 TRP A CA 1 
ATOM 111 C CA . PHE A 1 120 ? -14.727 -6.591  19.811  1.00 15.59 ? 120 PHE A CA 1 
ATOM 112 C CA . LEU A 1 121 ? -15.090 -9.661  22.048  1.00 13.26 ? 121 LEU A CA 1 
ATOM 113 C CA . CYS A 1 122 ? -13.500 -12.551 20.139  1.00 13.87 ? 122 CYS A CA 1 
ATOM 114 C CA . THR A 1 123 ? -12.033 -16.035 20.113  1.00 12.90 ? 123 THR A CA 1 
ATOM 115 C CA . ALA A 1 124 ? -9.026  -17.699 18.427  1.00 14.08 ? 124 ALA A CA 1 
ATOM 116 C CA . MET A 1 125 ? -9.303  -20.204 15.590  1.00 21.76 ? 125 MET A CA 1 
ATOM 117 C CA . GLU A 1 126 ? -7.222  -22.700 17.534  1.00 22.29 ? 126 GLU A CA 1 
ATOM 118 C CA . ALA A 1 127 ? -8.913  -24.214 20.608  1.00 21.36 ? 127 ALA A CA 1 
ATOM 119 C CA . ASP A 1 128 ? -8.261  -23.615 24.298  1.00 19.79 ? 128 ASP A CA 1 
ATOM 120 C CA . GLN A 1 129 ? -6.843  -20.124 23.965  1.00 20.12 ? 129 GLN A CA 1 
ATOM 121 C CA . PRO A 1 130 ? -8.297  -17.331 26.132  1.00 19.31 ? 130 PRO A CA 1 
ATOM 122 C CA . VAL A 1 131 ? -11.199 -15.114 25.034  1.00 13.18 ? 131 VAL A CA 1 
ATOM 123 C CA . SER A 1 132 ? -9.969  -11.604 24.073  1.00 17.21 ? 132 SER A CA 1 
ATOM 124 C CA . LEU A 1 133 ? -10.698 -8.411  22.182  1.00 16.23 ? 133 LEU A CA 1 
ATOM 125 C CA . THR A 1 134 ? -9.679  -7.437  18.634  1.00 18.44 ? 134 THR A CA 1 
ATOM 126 C CA . ASN A 1 135 ? -9.796  -4.141  16.807  1.00 22.88 ? 135 ASN A CA 1 
ATOM 127 C CA . MET A 1 136 ? -9.885  -5.934  13.454  1.00 25.14 ? 136 MET A CA 1 
ATOM 128 C CA . PRO A 1 137 ? -13.279 -7.678  13.490  1.00 23.35 ? 137 PRO A CA 1 
ATOM 129 C CA . ASP A 1 138 ? -13.523 -8.097  9.681   1.00 28.04 ? 138 ASP A CA 1 
ATOM 130 C CA . GLU A 1 139 ? -10.061 -9.511  8.882   1.00 32.38 ? 139 GLU A CA 1 
ATOM 131 C CA . GLY A 1 140 ? -10.951 -13.155 9.603   1.00 31.99 ? 140 GLY A CA 1 
ATOM 132 C CA . VAL A 1 141 ? -7.893  -13.565 11.826  1.00 27.13 ? 141 VAL A CA 1 
ATOM 133 C CA . MET A 1 142 ? -10.099 -13.958 14.987  1.00 21.05 ? 142 MET A CA 1 
ATOM 134 C CA . VAL A 1 143 ? -13.718 -15.008 15.553  1.00 17.48 ? 143 VAL A CA 1 
ATOM 135 C CA . THR A 1 144 ? -16.086 -12.161 16.499  1.00 17.94 ? 144 THR A CA 1 
ATOM 136 C CA . LYS A 1 145 ? -19.425 -13.779 15.513  1.00 18.62 ? 145 LYS A CA 1 
ATOM 137 C CA . PHE A 1 146 ? -21.314 -15.734 18.195  1.00 15.20 ? 146 PHE A CA 1 
ATOM 138 C CA . TYR A 1 147 ? -24.590 -17.586 18.700  1.00 17.20 ? 147 TYR A CA 1 
ATOM 139 C CA . PHE A 1 148 ? -26.432 -16.141 21.697  1.00 20.17 ? 148 PHE A CA 1 
ATOM 140 C CA . GLN A 1 149 ? -29.465 -18.091 23.051  1.00 25.14 ? 149 GLN A CA 1 
ATOM 141 C CA . GLU A 1 150 ? -31.739 -16.993 25.917  1.00 28.23 ? 150 GLU A CA 1 
ATOM 142 C CA . ASP A 1 151 ? -31.743 -19.528 28.683  1.00 34.26 ? 151 ASP A CA 1 
ATOM 143 C CA . GLU A 1 152 ? -35.300 -18.946 29.929  1.00 45.78 ? 152 GLU A CA 1 
ATOM 144 C CA . MET B 1 10  ? 19.296  1.524   -37.956 1.00 30.26 ? 10  MET B CA 1 
ATOM 145 C CA . GLN B 1 11  ? 22.212  4.018   -37.892 1.00 30.61 ? 11  GLN B CA 1 
ATOM 146 C CA . ALA B 1 12  ? 24.668  5.119   -35.217 1.00 27.58 ? 12  ALA B CA 1 
ATOM 147 C CA . PHE B 1 13  ? 25.241  8.746   -34.260 1.00 23.43 ? 13  PHE B CA 1 
ATOM 148 C CA . ARG B 1 14  ? 27.517  10.605  -31.861 1.00 22.79 ? 14  ARG B CA 1 
ATOM 149 C CA . ILE B 1 15  ? 26.077  13.314  -29.606 1.00 19.55 ? 15  ILE B CA 1 
ATOM 150 C CA . TRP B 1 16  ? 27.728  16.141  -27.598 1.00 22.02 ? 16  TRP B CA 1 
ATOM 151 C CA . ASP B 1 17  ? 25.803  19.132  -26.362 1.00 16.26 ? 17  ASP B CA 1 
ATOM 152 C CA . VAL B 1 18  ? 26.534  22.707  -27.350 1.00 16.87 ? 18  VAL B CA 1 
ATOM 153 C CA . ASN B 1 19  ? 29.059  22.783  -24.422 1.00 16.12 ? 19  ASN B CA 1 
ATOM 154 C CA . GLN B 1 20  ? 30.834  19.559  -25.473 1.00 16.29 ? 20  GLN B CA 1 
ATOM 155 C CA . LYS B 1 21  ? 29.297  17.172  -22.859 1.00 14.43 ? 21  LYS B CA 1 
ATOM 156 C CA . THR B 1 22  ? 28.532  13.641  -24.002 1.00 16.37 ? 22  THR B CA 1 
ATOM 157 C CA . PHE B 1 23  ? 26.104  11.057  -22.664 1.00 15.36 ? 23  PHE B CA 1 
ATOM 158 C CA . TYR B 1 24  ? 27.130  8.001   -20.654 1.00 20.00 ? 24  TYR B CA 1 
ATOM 159 C CA . LEU B 1 25  ? 25.254  5.770   -18.169 1.00 25.61 ? 25  LEU B CA 1 
ATOM 160 C CA . ARG B 1 26  ? 25.609  6.444   -14.469 1.00 34.12 ? 26  ARG B CA 1 
ATOM 161 C CA . ASN B 1 27  ? 23.760  4.199   -12.037 1.00 39.68 ? 27  ASN B CA 1 
ATOM 162 C CA . ASN B 1 28  ? 21.080  3.435   -14.625 1.00 38.75 ? 28  ASN B CA 1 
ATOM 163 C CA . GLN B 1 29  ? 20.379  6.978   -15.762 1.00 32.24 ? 29  GLN B CA 1 
ATOM 164 C CA . LEU B 1 30  ? 21.893  8.669   -18.839 1.00 22.82 ? 30  LEU B CA 1 
ATOM 165 C CA . VAL B 1 31  ? 23.831  11.730  -17.704 1.00 15.77 ? 31  VAL B CA 1 
ATOM 166 C CA . ALA B 1 32  ? 25.935  14.286  -19.551 1.00 15.94 ? 32  ALA B CA 1 
ATOM 167 C CA . GLY B 1 33  ? 29.510  15.146  -18.671 1.00 16.94 ? 33  GLY B CA 1 
ATOM 168 C CA . TYR B 1 34  ? 33.149  15.082  -19.740 1.00 17.87 ? 34  TYR B CA 1 
ATOM 169 C CA . LEU B 1 35  ? 34.960  11.815  -20.300 1.00 21.46 ? 35  LEU B CA 1 
ATOM 170 C CA . GLN B 1 36  ? 38.674  11.625  -20.886 1.00 26.24 ? 36  GLN B CA 1 
ATOM 171 C CA . GLY B 1 37  ? 41.182  8.848   -21.121 1.00 24.78 ? 37  GLY B CA 1 
ATOM 172 C CA . PRO B 1 38  ? 40.031  5.305   -20.294 1.00 28.66 ? 38  PRO B CA 1 
ATOM 173 C CA . ASN B 1 39  ? 36.546  6.541   -19.476 1.00 29.63 ? 39  ASN B CA 1 
ATOM 174 C CA . VAL B 1 40  ? 35.890  7.823   -22.950 1.00 28.03 ? 40  VAL B CA 1 
ATOM 175 C CA . ASN B 1 41  ? 34.986  4.101   -23.248 1.00 30.22 ? 41  ASN B CA 1 
ATOM 176 C CA . LEU B 1 42  ? 31.710  4.878   -21.508 1.00 20.86 ? 42  LEU B CA 1 
ATOM 177 C CA . GLU B 1 43  ? 30.469  7.170   -24.273 1.00 18.85 ? 43  GLU B CA 1 
ATOM 178 C CA . GLU B 1 44  ? 27.012  6.162   -25.378 1.00 18.06 ? 44  GLU B CA 1 
ATOM 179 C CA . LYS B 1 45  ? 26.452  6.119   -29.093 1.00 21.34 ? 45  LYS B CA 1 
ATOM 180 C CA . ILE B 1 46  ? 22.896  6.913   -30.231 1.00 21.29 ? 46  ILE B CA 1 
ATOM 181 C CA . ASP B 1 47  ? 21.129  4.316   -32.373 1.00 20.29 ? 47  ASP B CA 1 
ATOM 182 C CA . VAL B 1 48  ? 18.400  5.776   -34.536 1.00 21.39 ? 48  VAL B CA 1 
ATOM 183 C CA . VAL B 1 49  ? 15.580  4.526   -36.710 1.00 23.20 ? 49  VAL B CA 1 
ATOM 184 C CA . PRO B 1 50  ? 14.196  7.380   -38.848 1.00 22.71 ? 50  PRO B CA 1 
ATOM 185 C CA . ILE B 1 51  ? 10.495  8.002   -39.269 1.00 24.16 ? 51  ILE B CA 1 
ATOM 186 C CA . GLU B 1 52  ? 8.587   10.237  -41.658 1.00 32.59 ? 52  GLU B CA 1 
ATOM 187 C CA . PRO B 1 53  ? 8.179   13.051  -42.032 1.00 33.12 ? 53  PRO B CA 1 
ATOM 188 C CA . HIS B 1 54  ? 10.948  14.186  -39.659 1.00 29.84 ? 54  HIS B CA 1 
ATOM 189 C CA . ALA B 1 55  ? 11.074  11.978  -36.555 1.00 23.98 ? 55  ALA B CA 1 
ATOM 190 C CA . LEU B 1 56  ? 13.090  9.081   -35.182 1.00 22.38 ? 56  LEU B CA 1 
ATOM 191 C CA . PHE B 1 57  ? 13.379  6.574   -32.367 1.00 20.82 ? 57  PHE B CA 1 
ATOM 192 C CA . LEU B 1 58  ? 16.468  6.930   -30.135 1.00 19.71 ? 58  LEU B CA 1 
ATOM 193 C CA . GLY B 1 59  ? 18.071  3.993   -28.394 1.00 17.50 ? 59  GLY B CA 1 
ATOM 194 C CA . ILE B 1 60  ? 21.394  2.876   -27.019 1.00 21.72 ? 60  ILE B CA 1 
ATOM 195 C CA . HIS B 1 61  ? 23.380  -0.389  -26.743 1.00 21.81 ? 61  HIS B CA 1 
ATOM 196 C CA . GLY B 1 62  ? 22.423  -1.756  -30.147 1.00 25.44 ? 62  GLY B CA 1 
ATOM 197 C CA . GLY B 1 63  ? 18.821  -0.628  -30.022 1.00 23.34 ? 63  GLY B CA 1 
ATOM 198 C CA . LYS B 1 64  ? 18.332  -2.562  -26.782 1.00 25.81 ? 64  LYS B CA 1 
ATOM 199 C CA . MET B 1 65  ? 17.184  0.324   -24.624 1.00 21.71 ? 65  MET B CA 1 
ATOM 200 C CA . CYS B 1 66  ? 15.127  3.181   -26.010 1.00 20.55 ? 66  CYS B CA 1 
ATOM 201 C CA . LEU B 1 67  ? 14.327  6.595   -24.612 1.00 21.51 ? 67  LEU B CA 1 
ATOM 202 C CA . SER B 1 68  ? 10.644  7.375   -24.062 1.00 22.90 ? 68  SER B CA 1 
ATOM 203 C CA . CYS B 1 69  ? 8.679   10.260  -22.525 1.00 28.77 ? 69  CYS B CA 1 
ATOM 204 C CA . VAL B 1 70  ? 6.039   9.402   -19.904 1.00 35.07 ? 70  VAL B CA 1 
ATOM 205 C CA . LYS B 1 71  ? 3.553   11.597  -17.987 1.00 40.82 ? 71  LYS B CA 1 
ATOM 206 C CA . SER B 1 72  ? 3.372   11.572  -14.194 1.00 47.54 ? 72  SER B CA 1 
ATOM 207 C CA . GLY B 1 73  ? 0.907   13.921  -12.524 1.00 49.41 ? 73  GLY B CA 1 
ATOM 208 C CA . ASP B 1 74  ? 2.553   16.098  -15.173 1.00 49.94 ? 74  ASP B CA 1 
ATOM 209 C CA . GLU B 1 75  ? 6.375   16.478  -15.546 1.00 49.09 ? 75  GLU B CA 1 
ATOM 210 C CA . THR B 1 76  ? 7.392   14.263  -18.370 1.00 43.30 ? 76  THR B CA 1 
ATOM 211 C CA . ARG B 1 77  ? 10.139  11.933  -17.339 1.00 36.00 ? 77  ARG B CA 1 
ATOM 212 C CA . LEU B 1 78  ? 12.667  10.810  -19.956 1.00 29.72 ? 78  LEU B CA 1 
ATOM 213 C CA . GLN B 1 79  ? 13.048  7.168   -18.943 1.00 26.58 ? 79  GLN B CA 1 
ATOM 214 C CA . LEU B 1 80  ? 15.145  4.552   -20.720 1.00 24.35 ? 80  LEU B CA 1 
ATOM 215 C CA . GLU B 1 81  ? 13.327  1.310   -21.529 1.00 28.51 ? 81  GLU B CA 1 
ATOM 216 C CA . ALA B 1 82  ? 14.381  -2.220  -22.465 1.00 28.23 ? 82  ALA B CA 1 
ATOM 217 C CA . VAL B 1 83  ? 12.647  -2.566  -25.836 1.00 28.45 ? 83  VAL B CA 1 
ATOM 218 C CA . ASN B 1 84  ? 14.479  -3.505  -29.022 1.00 26.42 ? 84  ASN B CA 1 
ATOM 219 C CA . ILE B 1 85  ? 14.280  -0.419  -31.286 1.00 22.44 ? 85  ILE B CA 1 
ATOM 220 C CA . THR B 1 86  ? 13.243  -2.626  -34.211 1.00 28.12 ? 86  THR B CA 1 
ATOM 221 C CA . ASP B 1 87  ? 10.103  -3.737  -32.308 1.00 25.78 ? 87  ASP B CA 1 
ATOM 222 C CA . LEU B 1 88  ? 8.804   -0.189  -32.491 1.00 21.50 ? 88  LEU B CA 1 
ATOM 223 C CA . SER B 1 89  ? 6.528   1.025   -35.208 1.00 20.83 ? 89  SER B CA 1 
ATOM 224 C CA . GLU B 1 90  ? 5.814   4.531   -36.379 1.00 23.85 ? 90  GLU B CA 1 
ATOM 225 C CA . ASN B 1 91  ? 2.271   3.344   -37.102 1.00 21.87 ? 91  ASN B CA 1 
ATOM 226 C CA . ARG B 1 92  ? 1.420   1.890   -33.711 1.00 19.60 ? 92  ARG B CA 1 
ATOM 227 C CA . LYS B 1 93  ? -0.268  4.349   -31.318 1.00 27.40 ? 93  LYS B CA 1 
ATOM 228 C CA . GLN B 1 94  ? 1.363   2.976   -28.127 1.00 30.24 ? 94  GLN B CA 1 
ATOM 229 C CA . ASP B 1 95  ? 4.867   3.333   -29.625 1.00 29.13 ? 95  ASP B CA 1 
ATOM 230 C CA . LYS B 1 96  ? 4.385   7.094   -30.011 1.00 28.42 ? 96  LYS B CA 1 
ATOM 231 C CA . ARG B 1 97  ? 6.031   7.730   -26.616 1.00 25.51 ? 97  ARG B CA 1 
ATOM 232 C CA . PHE B 1 98  ? 9.373   6.726   -28.126 1.00 22.61 ? 98  PHE B CA 1 
ATOM 233 C CA . ALA B 1 99  ? 9.016   9.050   -31.093 1.00 19.10 ? 99  ALA B CA 1 
ATOM 234 C CA . PHE B 1 100 ? 10.964  12.320  -31.210 1.00 18.20 ? 100 PHE B CA 1 
ATOM 235 C CA . ILE B 1 101 ? 10.647  15.157  -33.778 1.00 22.13 ? 101 ILE B CA 1 
ATOM 236 C CA . ARG B 1 102 ? 14.002  16.331  -34.998 1.00 26.42 ? 102 ARG B CA 1 
ATOM 237 C CA . SER B 1 103 ? 14.914  19.882  -35.970 1.00 27.12 ? 103 SER B CA 1 
ATOM 238 C CA . ASP B 1 104 ? 18.167  21.356  -37.104 1.00 32.42 ? 104 ASP B CA 1 
ATOM 239 C CA . SER B 1 105 ? 19.248  24.987  -36.944 1.00 34.85 ? 105 SER B CA 1 
ATOM 240 C CA . GLY B 1 106 ? 22.658  25.878  -38.251 1.00 31.53 ? 106 GLY B CA 1 
ATOM 241 C CA . PRO B 1 107 ? 25.099  23.155  -37.053 1.00 28.70 ? 107 PRO B CA 1 
ATOM 242 C CA . THR B 1 108 ? 22.905  22.139  -34.071 1.00 25.02 ? 108 THR B CA 1 
ATOM 243 C CA . THR B 1 109 ? 19.931  19.717  -33.643 1.00 23.05 ? 109 THR B CA 1 
ATOM 244 C CA . SER B 1 110 ? 17.060  19.526  -31.099 1.00 18.98 ? 110 SER B CA 1 
ATOM 245 C CA . PHE B 1 111 ? 14.592  16.785  -30.149 1.00 18.64 ? 111 PHE B CA 1 
ATOM 246 C CA . GLU B 1 112 ? 10.934  17.347  -29.365 1.00 21.83 ? 112 GLU B CA 1 
ATOM 247 C CA . SER B 1 113 ? 8.776   14.664  -27.752 1.00 24.00 ? 113 SER B CA 1 
ATOM 248 C CA . ALA B 1 114 ? 6.041   13.410  -30.068 1.00 26.06 ? 114 ALA B CA 1 
ATOM 249 C CA . ALA B 1 115 ? 3.850   12.029  -27.227 1.00 28.22 ? 115 ALA B CA 1 
ATOM 250 C CA . CYS B 1 116 ? 4.421   14.996  -24.927 1.00 32.34 ? 116 CYS B CA 1 
ATOM 251 C CA . PRO B 1 117 ? 4.640   17.891  -27.399 1.00 29.71 ? 117 PRO B CA 1 
ATOM 252 C CA . GLY B 1 118 ? 6.404   21.036  -26.322 1.00 28.85 ? 118 GLY B CA 1 
ATOM 253 C CA . TRP B 1 119 ? 9.037   19.101  -24.442 1.00 26.48 ? 119 TRP B CA 1 
ATOM 254 C CA . PHE B 1 120 ? 12.631  18.869  -25.650 1.00 20.40 ? 120 PHE B CA 1 
ATOM 255 C CA . LEU B 1 121 ? 15.566  16.612  -24.721 1.00 17.12 ? 121 LEU B CA 1 
ATOM 256 C CA . CYS B 1 122 ? 17.989  18.684  -22.627 1.00 16.92 ? 122 CYS B CA 1 
ATOM 257 C CA . THR B 1 123 ? 21.098  18.723  -20.465 1.00 17.10 ? 123 THR B CA 1 
ATOM 258 C CA . ALA B 1 124 ? 22.241  20.888  -17.559 1.00 18.60 ? 124 ALA B CA 1 
ATOM 259 C CA . MET B 1 125 ? 25.052  23.450  -17.479 1.00 21.37 ? 125 MET B CA 1 
ATOM 260 C CA . GLU B 1 126 ? 26.505  21.532  -14.506 1.00 20.87 ? 126 GLU B CA 1 
ATOM 261 C CA . ALA B 1 127 ? 28.409  18.380  -15.465 1.00 18.27 ? 127 ALA B CA 1 
ATOM 262 C CA . ASP B 1 128 ? 27.305  14.837  -14.569 1.00 23.45 ? 128 ASP B CA 1 
ATOM 263 C CA . GLN B 1 129 ? 23.574  15.671  -14.358 1.00 22.36 ? 129 GLN B CA 1 
ATOM 264 C CA . PRO B 1 130 ? 20.842  13.482  -15.851 1.00 18.23 ? 130 PRO B CA 1 
ATOM 265 C CA . VAL B 1 131 ? 19.547  14.148  -19.336 1.00 17.55 ? 131 VAL B CA 1 
ATOM 266 C CA . SER B 1 132 ? 15.852  15.069  -19.060 1.00 21.52 ? 132 SER B CA 1 
ATOM 267 C CA . LEU B 1 133 ? 13.097  17.113  -20.757 1.00 23.85 ? 133 LEU B CA 1 
ATOM 268 C CA . THR B 1 134 ? 11.954  20.703  -20.552 1.00 24.53 ? 134 THR B CA 1 
ATOM 269 C CA . ASN B 1 135 ? 8.972   22.506  -22.035 1.00 30.11 ? 135 ASN B CA 1 
ATOM 270 C CA . MET B 1 136 ? 11.039  25.668  -21.651 1.00 33.81 ? 136 MET B CA 1 
ATOM 271 C CA . PRO B 1 137 ? 13.691  25.675  -24.383 1.00 38.65 ? 137 PRO B CA 1 
ATOM 272 C CA . ASP B 1 138 ? 14.013  29.407  -23.844 1.00 42.47 ? 138 ASP B CA 1 
ATOM 273 C CA . GLU B 1 139 ? 14.292  30.059  -20.098 1.00 43.05 ? 139 GLU B CA 1 
ATOM 274 C CA . GLY B 1 140 ? 18.101  30.337  -20.377 1.00 38.20 ? 140 GLY B CA 1 
ATOM 275 C CA . VAL B 1 141 ? 18.646  27.395  -18.013 1.00 32.33 ? 141 VAL B CA 1 
ATOM 276 C CA . MET B 1 142 ? 18.832  23.893  -19.592 1.00 26.01 ? 142 MET B CA 1 
ATOM 277 C CA . VAL B 1 143 ? 20.649  23.072  -22.848 1.00 17.84 ? 143 VAL B CA 1 
ATOM 278 C CA . THR B 1 144 ? 18.499  22.014  -25.799 1.00 17.97 ? 144 THR B CA 1 
ATOM 279 C CA . LYS B 1 145 ? 20.880  22.295  -28.772 1.00 17.09 ? 145 LYS B CA 1 
ATOM 280 C CA . PHE B 1 146 ? 23.121  19.376  -29.753 1.00 16.14 ? 146 PHE B CA 1 
ATOM 281 C CA . TYR B 1 147 ? 25.707  18.280  -32.246 1.00 18.76 ? 147 TYR B CA 1 
ATOM 282 C CA . PHE B 1 148 ? 24.246  15.112  -33.810 1.00 19.75 ? 148 PHE B CA 1 
ATOM 283 C CA . GLN B 1 149 ? 26.940  13.618  -36.049 1.00 28.16 ? 149 GLN B CA 1 
ATOM 284 C CA . GLU B 1 150 ? 26.181  10.598  -38.228 1.00 31.28 ? 150 GLU B CA 1 
ATOM 285 C CA . ASP B 1 151 ? 28.574  7.909   -37.193 1.00 34.87 ? 151 ASP B CA 1 
ATOM 286 C CA . GLU B 1 152 ? 26.881  5.462   -39.603 1.00 41.25 ? 152 GLU B CA 1 
# 
